data_2V59
#
_entry.id   2V59
#
_cell.length_a   84.190
_cell.length_b   106.203
_cell.length_c   123.055
_cell.angle_alpha   90.00
_cell.angle_beta   90.00
_cell.angle_gamma   90.00
#
_symmetry.space_group_name_H-M   'P 21 21 21'
#
loop_
_entity.id
_entity.type
_entity.pdbx_description
1 polymer 'BIOTIN CARBOXYLASE'
2 non-polymer 6-(2,6-DIMETHOXYPHENYL)PYRIDO[2,3-D]PYRIMIDINE-2,7-DIAMINE
3 water water
#
_entity_poly.entity_id   1
_entity_poly.type   'polypeptide(L)'
_entity_poly.pdbx_seq_one_letter_code
;MLDKIVIANRGEIALRILRACKELGIKTVAVHSSADRDLKHVLLADETVCIGPAPSVKSYLNIPAIISAAEITGAVAIHP
GYGFLSENANFAEQVERSGFIFIGPKAETIRLMGDKVSAIAAMKKAGVPCVPGSDGPLGDDMDKNRAIAKRIGYPVIIKA
SGGGGGRGMRVVRGDAELAQSISMTRAEAKAAFSNDMVYMEKYLENPRHVEIQVLADGQGNAIYLAERDCSMQRRHQKVV
EEAPAPGITPELRRYIGERCAKACVDIGYRGAGTFEFLFENGEFYFIEMNTRIQVEHPVTEMITGVDLIKEQLRIAAGQP
LSIKQEEVHVRGHAVECRINAEDPNTFLPSPGKITRFHAPGGFGVRWESHIYAGYTVPPYYDSMIGKLICYGENRDVAIA
RMKNALQELIIDGIKTNVDLQIRIMNDENFQHGGTNIHYLEKKLGLQEK
;
_entity_poly.pdbx_strand_id   A,B
#
# COMPACT_ATOMS: atom_id res chain seq x y z
N MET A 1 -6.56 25.14 -34.43
CA MET A 1 -6.19 24.17 -33.41
C MET A 1 -6.15 24.91 -32.09
N LEU A 2 -6.13 24.16 -31.00
CA LEU A 2 -5.81 24.69 -29.69
C LEU A 2 -4.43 25.36 -29.77
N ASP A 3 -4.34 26.58 -29.28
CA ASP A 3 -3.11 27.37 -29.38
C ASP A 3 -2.01 26.81 -28.49
N LYS A 4 -2.38 26.50 -27.25
CA LYS A 4 -1.46 26.11 -26.20
C LYS A 4 -2.22 25.26 -25.20
N ILE A 5 -1.65 24.12 -24.81
CA ILE A 5 -2.27 23.28 -23.80
C ILE A 5 -1.34 22.94 -22.64
N VAL A 6 -1.93 22.70 -21.48
CA VAL A 6 -1.21 22.17 -20.33
C VAL A 6 -1.27 20.64 -20.35
N ILE A 7 -0.10 20.02 -20.28
CA ILE A 7 -0.01 18.56 -20.15
C ILE A 7 0.02 18.24 -18.66
N ALA A 8 -1.14 17.90 -18.11
CA ALA A 8 -1.29 17.62 -16.69
C ALA A 8 -0.96 16.17 -16.39
N ASN A 9 0.26 15.77 -16.74
CA ASN A 9 0.77 14.43 -16.46
C ASN A 9 2.30 14.45 -16.48
N ARG A 10 2.90 13.25 -16.42
CA ARG A 10 4.35 13.09 -16.37
C ARG A 10 4.77 11.82 -17.13
N GLY A 11 6.08 11.64 -17.30
CA GLY A 11 6.62 10.39 -17.84
C GLY A 11 6.33 10.15 -19.31
N GLU A 12 6.07 8.89 -19.65
CA GLU A 12 5.94 8.50 -21.05
C GLU A 12 4.71 9.14 -21.71
N ILE A 13 3.60 9.18 -20.99
CA ILE A 13 2.35 9.71 -21.54
C ILE A 13 2.44 11.22 -21.79
N ALA A 14 3.17 11.92 -20.93
CA ALA A 14 3.41 13.36 -21.11
C ALA A 14 4.26 13.63 -22.35
N LEU A 15 5.23 12.76 -22.61
CA LEU A 15 6.04 12.83 -23.83
C LEU A 15 5.20 12.44 -25.05
N ARG A 16 4.37 11.41 -24.88
CA ARG A 16 3.42 10.97 -25.91
C ARG A 16 2.51 12.12 -26.35
N ILE A 17 1.93 12.82 -25.37
CA ILE A 17 1.06 13.97 -25.64
C ILE A 17 1.83 15.14 -26.27
N LEU A 18 3.04 15.39 -25.78
CA LEU A 18 3.88 16.49 -26.27
C LEU A 18 4.20 16.31 -27.76
N ARG A 19 4.53 15.09 -28.15
CA ARG A 19 4.84 14.76 -29.55
C ARG A 19 3.65 15.06 -30.46
N ALA A 20 2.45 14.68 -30.01
CA ALA A 20 1.22 14.94 -30.74
C ALA A 20 0.95 16.43 -30.90
N CYS A 21 1.19 17.21 -29.83
CA CYS A 21 1.03 18.67 -29.85
C CYS A 21 1.95 19.32 -30.88
N LYS A 22 3.21 18.92 -30.90
CA LYS A 22 4.21 19.49 -31.81
C LYS A 22 3.87 19.19 -33.27
N GLU A 23 3.42 17.96 -33.54
CA GLU A 23 2.92 17.58 -34.86
C GLU A 23 1.80 18.50 -35.34
N LEU A 24 0.95 18.90 -34.40
CA LEU A 24 -0.21 19.72 -34.70
C LEU A 24 0.05 21.23 -34.60
N GLY A 25 1.28 21.59 -34.23
CA GLY A 25 1.66 22.99 -34.04
C GLY A 25 1.02 23.61 -32.80
N ILE A 26 0.71 22.79 -31.81
CA ILE A 26 0.15 23.25 -30.54
C ILE A 26 1.29 23.53 -29.57
N LYS A 27 1.29 24.73 -28.98
CA LYS A 27 2.25 25.08 -27.90
C LYS A 27 2.03 24.22 -26.66
N THR A 28 3.12 23.90 -25.98
CA THR A 28 3.07 23.03 -24.82
C THR A 28 3.47 23.73 -23.52
N VAL A 29 2.70 23.46 -22.48
CA VAL A 29 3.05 23.85 -21.13
C VAL A 29 3.24 22.57 -20.32
N ALA A 30 4.48 22.31 -19.94
CA ALA A 30 4.79 21.17 -19.09
C ALA A 30 4.70 21.57 -17.62
N VAL A 31 3.66 21.10 -16.95
CA VAL A 31 3.58 21.23 -15.49
C VAL A 31 4.29 20.04 -14.83
N HIS A 32 5.12 20.34 -13.83
CA HIS A 32 5.92 19.31 -13.19
C HIS A 32 6.17 19.57 -11.72
N SER A 33 6.37 18.49 -10.97
CA SER A 33 6.86 18.58 -9.59
C SER A 33 8.35 18.94 -9.56
N SER A 34 8.87 19.22 -8.37
CA SER A 34 10.28 19.55 -8.17
C SER A 34 11.19 18.35 -8.41
N ALA A 35 10.62 17.14 -8.28
CA ALA A 35 11.35 15.91 -8.58
C ALA A 35 11.45 15.64 -10.09
N ASP A 36 10.63 16.32 -10.87
CA ASP A 36 10.47 16.03 -12.31
C ASP A 36 10.96 17.13 -13.24
N ARG A 37 11.97 17.89 -12.81
CA ARG A 37 12.50 18.98 -13.61
C ARG A 37 13.33 18.47 -14.82
N ASP A 38 13.86 17.25 -14.71
CA ASP A 38 14.70 16.66 -15.76
C ASP A 38 13.98 15.61 -16.63
N LEU A 39 12.65 15.59 -16.61
CA LEU A 39 11.88 14.72 -17.48
C LEU A 39 12.08 15.12 -18.94
N LYS A 40 12.13 14.12 -19.82
CA LYS A 40 12.31 14.37 -21.27
C LYS A 40 11.32 15.38 -21.85
N HIS A 41 10.02 15.20 -21.56
CA HIS A 41 9.01 16.09 -22.10
C HIS A 41 9.11 17.52 -21.56
N VAL A 42 9.52 17.65 -20.30
CA VAL A 42 9.76 18.94 -19.67
C VAL A 42 10.86 19.73 -20.41
N LEU A 43 11.92 19.03 -20.78
CA LEU A 43 13.07 19.63 -21.45
C LEU A 43 12.77 19.98 -22.91
N LEU A 44 11.68 19.42 -23.44
CA LEU A 44 11.29 19.68 -24.83
C LEU A 44 10.13 20.67 -24.93
N ALA A 45 9.46 20.93 -23.82
CA ALA A 45 8.27 21.79 -23.81
C ALA A 45 8.61 23.25 -24.12
N ASP A 46 7.66 23.95 -24.74
CA ASP A 46 7.81 25.38 -25.02
C ASP A 46 7.88 26.19 -23.73
N GLU A 47 7.03 25.85 -22.76
CA GLU A 47 6.96 26.50 -21.46
C GLU A 47 6.90 25.44 -20.36
N THR A 48 7.54 25.73 -19.22
CA THR A 48 7.46 24.85 -18.05
C THR A 48 7.02 25.63 -16.80
N VAL A 49 6.25 24.95 -15.97
CA VAL A 49 5.82 25.49 -14.68
C VAL A 49 5.97 24.42 -13.60
N CYS A 50 6.74 24.75 -12.57
CA CYS A 50 6.84 23.91 -11.38
C CYS A 50 5.59 24.14 -10.52
N ILE A 51 4.79 23.09 -10.36
CA ILE A 51 3.50 23.20 -9.66
C ILE A 51 3.54 22.71 -8.21
N GLY A 52 4.71 22.27 -7.75
CA GLY A 52 4.86 21.88 -6.36
C GLY A 52 5.91 20.83 -6.10
N PRO A 53 6.00 20.37 -4.84
CA PRO A 53 6.97 19.35 -4.43
C PRO A 53 6.61 17.97 -4.97
N ALA A 54 7.52 17.01 -4.76
CA ALA A 54 7.42 15.65 -5.30
C ALA A 54 6.11 14.88 -5.07
N PRO A 55 5.59 14.83 -3.82
CA PRO A 55 4.37 14.04 -3.64
C PRO A 55 3.20 14.53 -4.47
N SER A 56 2.53 13.62 -5.14
CA SER A 56 1.46 13.91 -6.11
C SER A 56 0.35 14.82 -5.59
N VAL A 57 0.02 14.69 -4.30
CA VAL A 57 -1.05 15.47 -3.70
C VAL A 57 -0.78 16.98 -3.77
N LYS A 58 0.51 17.33 -3.87
CA LYS A 58 0.92 18.72 -3.95
C LYS A 58 1.37 19.12 -5.35
N SER A 59 1.42 18.15 -6.25
CA SER A 59 1.74 18.44 -7.65
C SER A 59 0.68 17.94 -8.63
N TYR A 60 0.74 16.66 -9.00
CA TYR A 60 -0.06 16.14 -10.10
C TYR A 60 -1.55 15.92 -9.80
N LEU A 61 -1.89 15.99 -8.52
CA LEU A 61 -3.28 15.95 -8.07
C LEU A 61 -3.72 17.32 -7.53
N ASN A 62 -2.81 18.29 -7.57
CA ASN A 62 -3.05 19.63 -7.06
C ASN A 62 -3.83 20.47 -8.06
N ILE A 63 -5.15 20.36 -8.01
CA ILE A 63 -6.06 21.04 -8.95
C ILE A 63 -5.84 22.54 -9.11
N PRO A 64 -5.82 23.32 -8.00
CA PRO A 64 -5.58 24.77 -8.10
C PRO A 64 -4.24 25.14 -8.76
N ALA A 65 -3.19 24.39 -8.45
CA ALA A 65 -1.86 24.64 -9.01
C ALA A 65 -1.82 24.43 -10.52
N ILE A 66 -2.51 23.38 -10.97
CA ILE A 66 -2.60 23.05 -12.39
C ILE A 66 -3.44 24.07 -13.18
N ILE A 67 -4.58 24.47 -12.61
CA ILE A 67 -5.44 25.47 -13.23
C ILE A 67 -4.78 26.86 -13.25
N SER A 68 -4.10 27.20 -12.16
CA SER A 68 -3.33 28.44 -12.09
C SER A 68 -2.23 28.50 -13.15
N ALA A 69 -1.60 27.36 -13.42
CA ALA A 69 -0.56 27.25 -14.44
C ALA A 69 -1.11 27.49 -15.84
N ALA A 70 -2.33 27.01 -16.09
CA ALA A 70 -3.02 27.23 -17.36
C ALA A 70 -3.36 28.70 -17.53
N GLU A 71 -3.84 29.33 -16.45
CA GLU A 71 -4.11 30.77 -16.45
C GLU A 71 -2.88 31.61 -16.75
N ILE A 72 -1.78 31.38 -16.01
CA ILE A 72 -0.60 32.26 -16.10
C ILE A 72 0.17 32.16 -17.44
N THR A 73 0.07 31.02 -18.11
CA THR A 73 0.73 30.79 -19.39
C THR A 73 -0.17 31.17 -20.57
N GLY A 74 -1.45 31.38 -20.29
CA GLY A 74 -2.44 31.69 -21.32
C GLY A 74 -2.84 30.47 -22.14
N ALA A 75 -2.73 29.29 -21.54
CA ALA A 75 -3.12 28.02 -22.20
C ALA A 75 -4.63 27.94 -22.32
N VAL A 76 -5.12 27.14 -23.28
CA VAL A 76 -6.56 27.10 -23.57
C VAL A 76 -7.22 25.77 -23.21
N ALA A 77 -6.40 24.76 -22.93
CA ALA A 77 -6.88 23.39 -22.68
C ALA A 77 -5.91 22.64 -21.78
N ILE A 78 -6.42 21.59 -21.15
CA ILE A 78 -5.63 20.74 -20.26
C ILE A 78 -5.82 19.28 -20.67
N HIS A 79 -4.73 18.60 -21.00
CA HIS A 79 -4.75 17.15 -21.18
C HIS A 79 -4.36 16.45 -19.87
N PRO A 80 -5.28 15.64 -19.31
CA PRO A 80 -5.04 14.91 -18.06
C PRO A 80 -4.23 13.61 -18.21
N GLY A 81 -3.98 13.18 -19.44
CA GLY A 81 -3.33 11.88 -19.69
C GLY A 81 -4.18 10.74 -19.15
N TYR A 82 -3.53 9.82 -18.45
CA TYR A 82 -4.19 8.77 -17.67
C TYR A 82 -3.65 8.78 -16.25
N GLY A 83 -4.41 8.17 -15.33
CA GLY A 83 -3.89 7.79 -14.02
C GLY A 83 -3.83 8.79 -12.87
N PHE A 84 -4.17 10.06 -13.09
CA PHE A 84 -4.10 11.06 -12.01
C PHE A 84 -5.49 11.67 -11.77
N LEU A 85 -5.74 12.80 -12.43
CA LEU A 85 -7.03 13.47 -12.34
C LEU A 85 -7.87 13.20 -13.59
N SER A 86 -7.42 12.24 -14.39
CA SER A 86 -8.00 11.96 -15.72
C SER A 86 -9.44 11.45 -15.66
N GLU A 87 -9.82 10.87 -14.53
CA GLU A 87 -11.18 10.43 -14.32
C GLU A 87 -11.84 11.09 -13.09
N ASN A 88 -11.32 12.26 -12.74
CA ASN A 88 -11.86 13.10 -11.69
C ASN A 88 -12.84 14.11 -12.28
N ALA A 89 -14.12 13.90 -11.99
CA ALA A 89 -15.22 14.67 -12.57
C ALA A 89 -15.24 16.11 -12.06
N ASN A 90 -15.02 16.27 -10.75
CA ASN A 90 -14.91 17.59 -10.14
C ASN A 90 -13.78 18.43 -10.77
N PHE A 91 -12.68 17.78 -11.13
CA PHE A 91 -11.56 18.42 -11.82
C PHE A 91 -11.96 18.91 -13.21
N ALA A 92 -12.47 18.00 -14.03
CA ALA A 92 -12.96 18.33 -15.37
C ALA A 92 -13.99 19.46 -15.31
N GLU A 93 -14.89 19.37 -14.34
CA GLU A 93 -15.93 20.35 -14.04
C GLU A 93 -15.31 21.71 -13.70
N GLN A 94 -14.35 21.70 -12.77
CA GLN A 94 -13.62 22.90 -12.36
C GLN A 94 -12.84 23.53 -13.50
N VAL A 95 -12.22 22.69 -14.34
CA VAL A 95 -11.51 23.14 -15.55
C VAL A 95 -12.46 23.85 -16.53
N GLU A 96 -13.57 23.19 -16.86
CA GLU A 96 -14.61 23.76 -17.71
C GLU A 96 -15.15 25.07 -17.12
N ARG A 97 -15.35 25.09 -15.81
CA ARG A 97 -15.90 26.24 -15.09
C ARG A 97 -14.92 27.42 -15.05
N SER A 98 -13.62 27.10 -15.06
CA SER A 98 -12.58 28.13 -15.07
C SER A 98 -12.35 28.74 -16.45
N GLY A 99 -12.93 28.14 -17.48
CA GLY A 99 -12.83 28.67 -18.85
C GLY A 99 -11.94 27.89 -19.81
N PHE A 100 -11.34 26.81 -19.33
CA PHE A 100 -10.45 25.99 -20.14
C PHE A 100 -11.14 24.73 -20.63
N ILE A 101 -10.61 24.18 -21.72
CA ILE A 101 -11.13 22.93 -22.29
C ILE A 101 -10.48 21.75 -21.62
N PHE A 102 -11.33 20.81 -21.20
CA PHE A 102 -10.87 19.54 -20.65
C PHE A 102 -10.84 18.54 -21.79
N ILE A 103 -9.65 18.02 -22.07
CA ILE A 103 -9.51 17.03 -23.13
C ILE A 103 -10.01 15.68 -22.63
N GLY A 104 -11.28 15.43 -22.94
CA GLY A 104 -12.04 14.28 -22.48
C GLY A 104 -13.52 14.57 -22.59
N PRO A 105 -14.37 13.69 -22.04
CA PRO A 105 -15.81 13.91 -22.14
C PRO A 105 -16.30 14.99 -21.18
N LYS A 106 -17.59 15.28 -21.21
CA LYS A 106 -18.23 16.13 -20.22
C LYS A 106 -18.08 15.53 -18.83
N ALA A 107 -17.91 16.40 -17.83
CA ALA A 107 -17.79 15.99 -16.43
C ALA A 107 -18.90 15.04 -15.98
N GLU A 108 -20.14 15.30 -16.38
CA GLU A 108 -21.24 14.39 -16.06
C GLU A 108 -21.12 12.99 -16.68
N THR A 109 -20.41 12.89 -17.80
CA THR A 109 -20.18 11.62 -18.47
C THR A 109 -19.10 10.84 -17.73
N ILE A 110 -18.09 11.57 -17.25
CA ILE A 110 -17.04 11.02 -16.41
C ILE A 110 -17.60 10.40 -15.12
N ARG A 111 -18.52 11.10 -14.44
CA ARG A 111 -19.08 10.55 -13.20
C ARG A 111 -20.14 9.48 -13.40
N LEU A 112 -20.81 9.48 -14.55
CA LEU A 112 -21.72 8.39 -14.91
C LEU A 112 -20.94 7.08 -15.01
N MET A 113 -19.77 7.14 -15.65
CA MET A 113 -18.94 5.97 -15.87
C MET A 113 -18.06 5.65 -14.67
N GLY A 114 -17.81 6.66 -13.83
CA GLY A 114 -17.09 6.48 -12.57
C GLY A 114 -17.98 5.84 -11.50
N ASP A 115 -19.28 5.82 -11.76
CA ASP A 115 -20.21 5.09 -10.90
C ASP A 115 -20.62 3.82 -11.62
N LYS A 116 -20.09 2.70 -11.15
CA LYS A 116 -20.21 1.43 -11.86
C LYS A 116 -21.63 0.93 -12.03
N VAL A 117 -22.47 1.08 -11.01
CA VAL A 117 -23.88 0.69 -11.08
C VAL A 117 -24.64 1.45 -12.17
N SER A 118 -24.54 2.78 -12.16
CA SER A 118 -25.27 3.59 -13.13
C SER A 118 -24.68 3.46 -14.54
N ALA A 119 -23.37 3.26 -14.63
CA ALA A 119 -22.71 2.96 -15.91
C ALA A 119 -23.27 1.68 -16.54
N ILE A 120 -23.34 0.62 -15.75
CA ILE A 120 -23.94 -0.65 -16.18
C ILE A 120 -25.40 -0.50 -16.64
N ALA A 121 -26.22 0.22 -15.86
CA ALA A 121 -27.60 0.53 -16.22
C ALA A 121 -27.71 1.27 -17.55
N ALA A 122 -26.83 2.26 -17.76
CA ALA A 122 -26.79 3.00 -19.02
C ALA A 122 -26.44 2.09 -20.19
N MET A 123 -25.46 1.22 -20.00
CA MET A 123 -24.99 0.31 -21.06
C MET A 123 -26.01 -0.78 -21.37
N LYS A 124 -26.64 -1.32 -20.32
CA LYS A 124 -27.69 -2.32 -20.47
C LYS A 124 -28.90 -1.75 -21.22
N LYS A 125 -29.24 -0.50 -20.91
CA LYS A 125 -30.29 0.23 -21.60
C LYS A 125 -29.98 0.46 -23.09
N ALA A 126 -28.71 0.69 -23.40
CA ALA A 126 -28.29 1.01 -24.77
C ALA A 126 -28.06 -0.23 -25.62
N GLY A 127 -28.04 -1.39 -24.98
CA GLY A 127 -27.94 -2.67 -25.69
C GLY A 127 -26.59 -3.36 -25.59
N VAL A 128 -25.72 -2.87 -24.71
CA VAL A 128 -24.43 -3.49 -24.47
C VAL A 128 -24.63 -4.66 -23.49
N PRO A 129 -24.16 -5.87 -23.87
CA PRO A 129 -24.30 -7.04 -22.99
C PRO A 129 -23.43 -6.90 -21.73
N CYS A 130 -24.04 -7.17 -20.57
CA CYS A 130 -23.39 -7.00 -19.27
C CYS A 130 -23.35 -8.34 -18.54
N VAL A 131 -22.66 -8.39 -17.40
CA VAL A 131 -22.67 -9.59 -16.56
C VAL A 131 -24.05 -9.71 -15.90
N PRO A 132 -24.63 -10.94 -15.88
CA PRO A 132 -25.85 -11.10 -15.08
C PRO A 132 -25.56 -10.70 -13.64
N GLY A 133 -26.35 -9.78 -13.10
CA GLY A 133 -26.11 -9.25 -11.76
C GLY A 133 -27.33 -8.66 -11.06
N SER A 134 -27.07 -7.85 -10.04
CA SER A 134 -28.11 -7.29 -9.18
C SER A 134 -28.98 -6.24 -9.87
N ASP A 135 -28.46 -5.64 -10.95
CA ASP A 135 -29.15 -4.54 -11.65
C ASP A 135 -29.59 -3.42 -10.70
N GLY A 136 -28.67 -3.06 -9.81
CA GLY A 136 -28.91 -2.04 -8.80
C GLY A 136 -28.07 -2.30 -7.58
N PRO A 137 -28.03 -1.33 -6.65
CA PRO A 137 -27.25 -1.51 -5.43
C PRO A 137 -27.90 -2.53 -4.50
N LEU A 138 -27.09 -3.17 -3.66
CA LEU A 138 -27.59 -4.10 -2.65
C LEU A 138 -27.91 -3.33 -1.38
N GLY A 139 -29.04 -3.65 -0.77
CA GLY A 139 -29.40 -3.06 0.52
C GLY A 139 -28.87 -3.90 1.67
N ASP A 140 -29.41 -3.65 2.87
CA ASP A 140 -28.97 -4.34 4.08
C ASP A 140 -29.78 -5.61 4.36
N ASP A 141 -30.78 -5.87 3.53
CA ASP A 141 -31.67 -7.02 3.69
C ASP A 141 -31.05 -8.27 3.09
N MET A 142 -30.56 -9.15 3.96
CA MET A 142 -29.83 -10.34 3.54
C MET A 142 -30.69 -11.46 2.95
N ASP A 143 -31.99 -11.42 3.19
CA ASP A 143 -32.91 -12.32 2.52
C ASP A 143 -33.03 -11.95 1.05
N LYS A 144 -33.18 -10.66 0.77
CA LYS A 144 -33.14 -10.16 -0.60
C LYS A 144 -31.80 -10.48 -1.26
N ASN A 145 -30.70 -10.21 -0.55
CA ASN A 145 -29.36 -10.44 -1.08
C ASN A 145 -29.08 -11.90 -1.42
N ARG A 146 -29.53 -12.82 -0.57
CA ARG A 146 -29.42 -14.27 -0.82
C ARG A 146 -30.28 -14.73 -1.99
N ALA A 147 -31.47 -14.13 -2.13
CA ALA A 147 -32.36 -14.40 -3.27
C ALA A 147 -31.74 -13.95 -4.59
N ILE A 148 -31.04 -12.82 -4.57
CA ILE A 148 -30.38 -12.28 -5.75
C ILE A 148 -29.24 -13.22 -6.18
N ALA A 149 -28.48 -13.70 -5.19
CA ALA A 149 -27.37 -14.61 -5.41
C ALA A 149 -27.83 -15.99 -5.93
N LYS A 150 -28.96 -16.47 -5.40
CA LYS A 150 -29.60 -17.70 -5.88
C LYS A 150 -30.06 -17.56 -7.34
N ARG A 151 -30.70 -16.43 -7.64
CA ARG A 151 -31.18 -16.12 -8.99
C ARG A 151 -30.02 -16.04 -10.00
N ILE A 152 -28.93 -15.41 -9.57
CA ILE A 152 -27.71 -15.30 -10.38
C ILE A 152 -26.97 -16.64 -10.47
N GLY A 153 -26.85 -17.32 -9.34
CA GLY A 153 -26.14 -18.60 -9.26
C GLY A 153 -24.69 -18.46 -8.88
N TYR A 154 -24.32 -19.11 -7.77
CA TYR A 154 -22.95 -19.10 -7.26
C TYR A 154 -21.93 -19.69 -8.25
N PRO A 155 -20.70 -19.15 -8.27
CA PRO A 155 -20.18 -18.08 -7.43
C PRO A 155 -20.59 -16.69 -7.91
N VAL A 156 -20.64 -15.74 -6.98
CA VAL A 156 -20.96 -14.35 -7.28
C VAL A 156 -19.80 -13.46 -6.82
N ILE A 157 -19.78 -12.24 -7.32
CA ILE A 157 -18.78 -11.26 -6.89
C ILE A 157 -19.46 -9.98 -6.41
N ILE A 158 -18.99 -9.47 -5.28
CA ILE A 158 -19.46 -8.21 -4.73
C ILE A 158 -18.49 -7.12 -5.17
N LYS A 159 -19.03 -6.02 -5.69
CA LYS A 159 -18.19 -4.95 -6.21
C LYS A 159 -18.61 -3.60 -5.67
N ALA A 160 -17.62 -2.74 -5.45
CA ALA A 160 -17.85 -1.35 -5.09
C ALA A 160 -18.25 -0.55 -6.32
N SER A 161 -19.32 0.22 -6.18
CA SER A 161 -19.76 1.13 -7.24
C SER A 161 -18.72 2.21 -7.54
N GLY A 162 -18.11 2.74 -6.48
CA GLY A 162 -17.03 3.72 -6.63
C GLY A 162 -15.68 3.08 -6.89
N GLY A 163 -15.68 1.76 -7.04
CA GLY A 163 -14.46 0.98 -7.26
C GLY A 163 -13.93 1.04 -8.67
N GLY A 164 -13.08 0.07 -9.00
CA GLY A 164 -12.38 0.03 -10.28
C GLY A 164 -11.08 -0.73 -10.18
N GLY A 165 -10.76 -1.49 -11.22
CA GLY A 165 -9.58 -2.35 -11.21
C GLY A 165 -9.78 -3.53 -10.30
N GLY A 166 -9.02 -3.57 -9.21
CA GLY A 166 -9.15 -4.65 -8.22
C GLY A 166 -9.74 -4.14 -6.92
N ARG A 167 -10.05 -2.85 -6.91
CA ARG A 167 -10.69 -2.22 -5.77
C ARG A 167 -12.18 -2.04 -6.11
N GLY A 168 -13.07 -2.41 -5.21
CA GLY A 168 -12.81 -3.30 -4.09
C GLY A 168 -13.84 -4.39 -4.30
N MET A 169 -13.44 -5.64 -4.12
CA MET A 169 -14.27 -6.76 -4.57
C MET A 169 -13.89 -8.07 -3.92
N ARG A 170 -14.90 -8.89 -3.62
CA ARG A 170 -14.66 -10.26 -3.21
C ARG A 170 -15.65 -11.27 -3.79
N VAL A 171 -15.11 -12.45 -4.08
CA VAL A 171 -15.85 -13.60 -4.57
C VAL A 171 -16.56 -14.28 -3.40
N VAL A 172 -17.81 -14.64 -3.61
CA VAL A 172 -18.61 -15.39 -2.66
C VAL A 172 -19.06 -16.68 -3.34
N ARG A 173 -18.70 -17.81 -2.74
CA ARG A 173 -18.96 -19.12 -3.36
C ARG A 173 -20.12 -19.89 -2.72
N GLY A 174 -20.74 -19.29 -1.70
CA GLY A 174 -21.89 -19.90 -1.02
C GLY A 174 -22.61 -18.92 -0.12
N ASP A 175 -23.82 -19.29 0.32
CA ASP A 175 -24.66 -18.43 1.17
C ASP A 175 -23.95 -18.06 2.47
N ALA A 176 -23.20 -19.02 3.03
CA ALA A 176 -22.50 -18.86 4.30
C ALA A 176 -21.53 -17.67 4.37
N GLU A 177 -21.00 -17.25 3.22
CA GLU A 177 -19.99 -16.18 3.16
C GLU A 177 -20.56 -14.84 2.73
N LEU A 178 -21.79 -14.86 2.21
CA LEU A 178 -22.41 -13.68 1.58
C LEU A 178 -22.52 -12.44 2.45
N ALA A 179 -23.16 -12.57 3.62
CA ALA A 179 -23.40 -11.43 4.51
C ALA A 179 -22.12 -10.72 4.93
N GLN A 180 -21.11 -11.51 5.31
CA GLN A 180 -19.84 -10.98 5.75
C GLN A 180 -19.05 -10.34 4.61
N SER A 181 -19.19 -10.89 3.41
CA SER A 181 -18.51 -10.37 2.23
C SER A 181 -19.08 -9.03 1.75
N ILE A 182 -20.40 -8.88 1.87
CA ILE A 182 -21.06 -7.62 1.52
C ILE A 182 -20.66 -6.54 2.52
N SER A 183 -20.66 -6.90 3.79
CA SER A 183 -20.27 -6.01 4.89
C SER A 183 -18.81 -5.54 4.75
N MET A 184 -17.93 -6.46 4.39
CA MET A 184 -16.51 -6.15 4.23
C MET A 184 -16.22 -5.30 3.00
N THR A 185 -16.91 -5.56 1.90
CA THR A 185 -16.75 -4.76 0.68
C THR A 185 -17.33 -3.35 0.89
N ARG A 186 -18.44 -3.25 1.61
CA ARG A 186 -19.04 -1.96 1.99
C ARG A 186 -18.09 -1.11 2.82
N ALA A 187 -17.54 -1.71 3.88
CA ALA A 187 -16.62 -1.04 4.79
C ALA A 187 -15.40 -0.49 4.06
N GLU A 188 -14.80 -1.33 3.22
CA GLU A 188 -13.64 -0.97 2.42
C GLU A 188 -13.94 0.14 1.41
N ALA A 189 -15.14 0.09 0.84
CA ALA A 189 -15.59 1.10 -0.13
C ALA A 189 -15.87 2.44 0.53
N LYS A 190 -16.45 2.40 1.73
CA LYS A 190 -16.71 3.60 2.53
C LYS A 190 -15.39 4.29 2.93
N ALA A 191 -14.40 3.49 3.32
CA ALA A 191 -13.08 3.99 3.70
C ALA A 191 -12.32 4.57 2.51
N ALA A 192 -12.40 3.88 1.36
CA ALA A 192 -11.61 4.22 0.19
C ALA A 192 -12.24 5.29 -0.70
N PHE A 193 -13.56 5.18 -0.93
CA PHE A 193 -14.24 6.03 -1.91
C PHE A 193 -15.30 6.96 -1.29
N SER A 194 -15.42 6.91 0.03
CA SER A 194 -16.51 7.60 0.74
C SER A 194 -17.88 7.31 0.09
N ASN A 195 -17.98 6.09 -0.44
CA ASN A 195 -19.17 5.60 -1.12
C ASN A 195 -19.31 4.12 -0.82
N ASP A 196 -20.24 3.78 0.06
CA ASP A 196 -20.38 2.41 0.55
C ASP A 196 -21.32 1.54 -0.31
N MET A 197 -21.71 2.08 -1.46
CA MET A 197 -22.63 1.38 -2.38
C MET A 197 -21.94 0.23 -3.11
N VAL A 198 -22.60 -0.94 -3.06
CA VAL A 198 -22.07 -2.16 -3.66
C VAL A 198 -23.10 -2.85 -4.55
N TYR A 199 -22.61 -3.62 -5.52
CA TYR A 199 -23.48 -4.42 -6.38
C TYR A 199 -22.98 -5.85 -6.52
N MET A 200 -23.82 -6.70 -7.09
CA MET A 200 -23.50 -8.11 -7.26
C MET A 200 -23.48 -8.46 -8.74
N GLU A 201 -22.52 -9.30 -9.12
CA GLU A 201 -22.41 -9.85 -10.46
C GLU A 201 -22.11 -11.32 -10.34
N LYS A 202 -22.53 -12.09 -11.35
CA LYS A 202 -22.11 -13.49 -11.48
C LYS A 202 -20.60 -13.57 -11.63
N TYR A 203 -19.93 -14.38 -10.83
CA TYR A 203 -18.47 -14.49 -10.93
C TYR A 203 -18.05 -15.34 -12.13
N LEU A 204 -17.33 -14.70 -13.05
CA LEU A 204 -16.75 -15.39 -14.20
C LEU A 204 -15.39 -15.95 -13.82
N GLU A 205 -15.29 -17.27 -13.89
CA GLU A 205 -14.18 -18.01 -13.31
C GLU A 205 -12.88 -17.93 -14.11
N ASN A 206 -12.97 -18.05 -15.44
CA ASN A 206 -11.77 -18.00 -16.29
C ASN A 206 -11.93 -17.15 -17.56
N PRO A 207 -12.21 -15.83 -17.40
CA PRO A 207 -12.43 -15.00 -18.57
C PRO A 207 -11.15 -14.40 -19.14
N ARG A 208 -11.23 -13.90 -20.36
CA ARG A 208 -10.21 -13.05 -20.96
C ARG A 208 -10.61 -11.59 -20.76
N HIS A 209 -9.62 -10.70 -20.80
CA HIS A 209 -9.90 -9.28 -20.63
C HIS A 209 -9.75 -8.59 -21.98
N VAL A 210 -10.89 -8.38 -22.63
CA VAL A 210 -10.96 -7.79 -23.97
C VAL A 210 -11.68 -6.44 -23.89
N GLU A 211 -11.05 -5.41 -24.43
CA GLU A 211 -11.61 -4.06 -24.36
C GLU A 211 -11.71 -3.40 -25.74
N ILE A 212 -12.73 -2.56 -25.92
CA ILE A 212 -12.98 -1.88 -27.19
C ILE A 212 -12.66 -0.39 -27.12
N GLN A 213 -11.74 0.04 -27.98
CA GLN A 213 -11.39 1.45 -28.13
C GLN A 213 -12.44 2.18 -28.96
N VAL A 214 -12.92 3.30 -28.43
CA VAL A 214 -13.85 4.15 -29.18
C VAL A 214 -13.31 5.58 -29.34
N LEU A 215 -13.85 6.28 -30.34
CA LEU A 215 -13.65 7.71 -30.51
C LEU A 215 -14.99 8.34 -30.86
N ALA A 216 -15.27 9.48 -30.25
CA ALA A 216 -16.50 10.22 -30.56
C ALA A 216 -16.23 11.73 -30.56
N ASP A 217 -16.74 12.42 -31.58
CA ASP A 217 -16.54 13.86 -31.71
C ASP A 217 -17.78 14.65 -31.25
N GLY A 218 -17.75 15.96 -31.45
CA GLY A 218 -18.86 16.83 -31.04
C GLY A 218 -19.89 17.05 -32.13
N GLN A 219 -19.81 16.25 -33.19
CA GLN A 219 -20.71 16.39 -34.32
C GLN A 219 -21.52 15.14 -34.65
N GLY A 220 -21.59 14.22 -33.69
CA GLY A 220 -22.45 13.04 -33.80
C GLY A 220 -21.77 11.77 -34.24
N ASN A 221 -20.50 11.87 -34.64
CA ASN A 221 -19.73 10.72 -35.07
C ASN A 221 -19.19 9.92 -33.89
N ALA A 222 -19.41 8.61 -33.92
CA ALA A 222 -18.88 7.70 -32.93
C ALA A 222 -18.40 6.43 -33.59
N ILE A 223 -17.12 6.11 -33.40
CA ILE A 223 -16.51 4.93 -34.01
C ILE A 223 -15.84 3.99 -33.00
N TYR A 224 -15.78 2.72 -33.34
CA TYR A 224 -14.99 1.74 -32.60
C TYR A 224 -13.74 1.40 -33.41
N LEU A 225 -12.62 1.21 -32.71
CA LEU A 225 -11.35 0.89 -33.36
C LEU A 225 -10.82 -0.46 -32.88
N ALA A 226 -11.62 -1.50 -33.13
CA ALA A 226 -11.29 -2.87 -32.76
C ALA A 226 -11.06 -3.04 -31.26
N GLU A 227 -10.42 -4.14 -30.89
CA GLU A 227 -10.29 -4.55 -29.50
C GLU A 227 -8.83 -4.75 -29.07
N ARG A 228 -8.63 -4.85 -27.77
CA ARG A 228 -7.32 -5.19 -27.19
C ARG A 228 -7.52 -6.31 -26.18
N ASP A 229 -6.61 -7.28 -26.19
CA ASP A 229 -6.58 -8.31 -25.17
C ASP A 229 -5.55 -7.91 -24.11
N CYS A 230 -5.98 -7.87 -22.85
CA CYS A 230 -5.18 -7.37 -21.73
C CYS A 230 -5.09 -8.40 -20.59
N SER A 231 -5.24 -9.67 -20.92
CA SER A 231 -5.30 -10.75 -19.92
C SER A 231 -3.98 -11.05 -19.21
N MET A 232 -2.85 -10.80 -19.89
CA MET A 232 -1.53 -10.94 -19.25
C MET A 232 -1.36 -9.89 -18.17
N GLN A 233 -1.75 -10.24 -16.95
CA GLN A 233 -1.75 -9.32 -15.83
C GLN A 233 -1.37 -10.02 -14.53
N ARG A 234 -1.04 -9.21 -13.52
CA ARG A 234 -0.75 -9.70 -12.19
C ARG A 234 -1.36 -8.73 -11.19
N ARG A 235 -2.30 -9.23 -10.37
CA ARG A 235 -2.96 -8.44 -9.33
C ARG A 235 -3.53 -7.12 -9.87
N HIS A 236 -4.30 -7.21 -10.94
CA HIS A 236 -4.95 -6.05 -11.59
C HIS A 236 -3.96 -5.03 -12.18
N GLN A 237 -2.78 -5.53 -12.55
CA GLN A 237 -1.75 -4.73 -13.20
C GLN A 237 -1.43 -5.41 -14.52
N LYS A 238 -1.86 -4.79 -15.63
CA LYS A 238 -1.56 -5.28 -16.97
C LYS A 238 -0.07 -5.33 -17.23
N VAL A 239 0.36 -6.37 -17.92
CA VAL A 239 1.78 -6.63 -18.16
C VAL A 239 2.06 -6.60 -19.66
N VAL A 240 1.27 -7.38 -20.40
CA VAL A 240 1.30 -7.44 -21.86
C VAL A 240 -0.11 -7.14 -22.39
N GLU A 241 -0.18 -6.33 -23.44
CA GLU A 241 -1.42 -6.06 -24.15
C GLU A 241 -1.19 -6.27 -25.64
N GLU A 242 -2.24 -6.68 -26.35
CA GLU A 242 -2.12 -6.97 -27.76
C GLU A 242 -3.39 -6.66 -28.53
N ALA A 243 -3.21 -6.34 -29.81
CA ALA A 243 -4.31 -5.99 -30.69
C ALA A 243 -4.06 -6.57 -32.08
N PRO A 244 -5.10 -7.15 -32.70
CA PRO A 244 -6.40 -7.44 -32.09
C PRO A 244 -6.35 -8.67 -31.19
N ALA A 245 -7.45 -8.99 -30.52
CA ALA A 245 -7.49 -10.15 -29.63
C ALA A 245 -7.55 -11.46 -30.43
N PRO A 246 -6.62 -12.40 -30.15
CA PRO A 246 -6.64 -13.72 -30.78
C PRO A 246 -8.00 -14.43 -30.65
N GLY A 247 -8.48 -14.98 -31.76
CA GLY A 247 -9.74 -15.72 -31.77
C GLY A 247 -10.97 -14.89 -32.06
N ILE A 248 -10.84 -13.56 -32.00
CA ILE A 248 -11.97 -12.68 -32.29
C ILE A 248 -12.10 -12.52 -33.80
N THR A 249 -13.22 -13.01 -34.32
CA THR A 249 -13.52 -12.96 -35.75
C THR A 249 -13.97 -11.55 -36.14
N PRO A 250 -13.82 -11.18 -37.44
CA PRO A 250 -14.35 -9.92 -37.92
C PRO A 250 -15.82 -9.69 -37.55
N GLU A 251 -16.62 -10.76 -37.56
CA GLU A 251 -18.06 -10.66 -37.25
C GLU A 251 -18.37 -10.47 -35.76
N LEU A 252 -17.55 -11.05 -34.88
CA LEU A 252 -17.64 -10.74 -33.44
C LEU A 252 -17.18 -9.31 -33.16
N ARG A 253 -16.14 -8.88 -33.86
CA ARG A 253 -15.60 -7.53 -33.71
C ARG A 253 -16.65 -6.46 -34.00
N ARG A 254 -17.32 -6.57 -35.14
CA ARG A 254 -18.35 -5.60 -35.51
C ARG A 254 -19.61 -5.69 -34.64
N TYR A 255 -19.95 -6.90 -34.21
CA TYR A 255 -21.09 -7.10 -33.31
C TYR A 255 -20.94 -6.26 -32.04
N ILE A 256 -19.85 -6.49 -31.30
CA ILE A 256 -19.60 -5.77 -30.04
C ILE A 256 -19.21 -4.31 -30.30
N GLY A 257 -18.40 -4.08 -31.34
CA GLY A 257 -18.00 -2.75 -31.76
C GLY A 257 -19.15 -1.80 -32.04
N GLU A 258 -20.07 -2.23 -32.91
CA GLU A 258 -21.26 -1.44 -33.24
C GLU A 258 -22.12 -1.13 -32.01
N ARG A 259 -22.20 -2.07 -31.08
CA ARG A 259 -22.93 -1.87 -29.82
C ARG A 259 -22.28 -0.80 -28.93
N CYS A 260 -20.95 -0.77 -28.91
CA CYS A 260 -20.21 0.26 -28.18
C CYS A 260 -20.37 1.65 -28.81
N ALA A 261 -20.30 1.72 -30.14
CA ALA A 261 -20.53 2.97 -30.89
C ALA A 261 -21.94 3.55 -30.66
N LYS A 262 -22.95 2.68 -30.61
CA LYS A 262 -24.33 3.11 -30.35
C LYS A 262 -24.48 3.65 -28.94
N ALA A 263 -23.91 2.95 -27.97
CA ALA A 263 -23.89 3.41 -26.57
C ALA A 263 -23.34 4.84 -26.44
N CYS A 264 -22.24 5.12 -27.15
CA CYS A 264 -21.64 6.46 -27.18
C CYS A 264 -22.62 7.54 -27.66
N VAL A 265 -23.38 7.24 -28.71
CA VAL A 265 -24.40 8.15 -29.23
C VAL A 265 -25.51 8.35 -28.19
N ASP A 266 -25.99 7.24 -27.64
CA ASP A 266 -27.05 7.26 -26.63
C ASP A 266 -26.74 8.16 -25.43
N ILE A 267 -25.51 8.07 -24.95
CA ILE A 267 -25.08 8.81 -23.76
C ILE A 267 -24.43 10.16 -24.10
N GLY A 268 -24.27 10.45 -25.39
CA GLY A 268 -23.59 11.66 -25.83
C GLY A 268 -22.15 11.70 -25.33
N TYR A 269 -21.42 10.62 -25.58
CA TYR A 269 -19.99 10.55 -25.26
C TYR A 269 -19.15 11.44 -26.19
N ARG A 270 -18.06 11.95 -25.65
CA ARG A 270 -17.11 12.81 -26.37
C ARG A 270 -15.67 12.38 -26.05
N GLY A 271 -14.85 12.25 -27.10
CA GLY A 271 -13.43 11.92 -26.96
C GLY A 271 -13.07 10.46 -27.22
N ALA A 272 -11.87 10.08 -26.76
CA ALA A 272 -11.47 8.67 -26.70
C ALA A 272 -12.11 8.03 -25.48
N GLY A 273 -12.28 6.70 -25.53
CA GLY A 273 -12.86 5.95 -24.43
C GLY A 273 -12.67 4.47 -24.65
N THR A 274 -12.72 3.70 -23.57
CA THR A 274 -12.59 2.25 -23.66
C THR A 274 -13.71 1.52 -22.94
N PHE A 275 -14.36 0.60 -23.64
CA PHE A 275 -15.32 -0.33 -23.06
C PHE A 275 -14.60 -1.62 -22.64
N GLU A 276 -14.52 -1.85 -21.34
CA GLU A 276 -13.87 -3.05 -20.80
C GLU A 276 -14.87 -4.21 -20.71
N PHE A 277 -14.48 -5.34 -21.29
CA PHE A 277 -15.30 -6.55 -21.24
C PHE A 277 -14.53 -7.73 -20.67
N LEU A 278 -15.29 -8.62 -20.04
CA LEU A 278 -14.83 -9.98 -19.83
C LEU A 278 -15.35 -10.80 -21.00
N PHE A 279 -14.47 -11.62 -21.54
CA PHE A 279 -14.80 -12.48 -22.66
C PHE A 279 -14.60 -13.93 -22.20
N GLU A 280 -15.68 -14.71 -22.27
CA GLU A 280 -15.66 -16.10 -21.85
C GLU A 280 -16.71 -16.89 -22.63
N ASN A 281 -16.35 -18.10 -23.04
CA ASN A 281 -17.22 -18.98 -23.84
C ASN A 281 -17.83 -18.27 -25.06
N GLY A 282 -17.01 -17.44 -25.70
CA GLY A 282 -17.41 -16.72 -26.91
C GLY A 282 -18.40 -15.59 -26.67
N GLU A 283 -18.56 -15.19 -25.41
CA GLU A 283 -19.53 -14.16 -25.02
C GLU A 283 -18.87 -12.95 -24.36
N PHE A 284 -19.33 -11.76 -24.74
CA PHE A 284 -18.85 -10.51 -24.14
C PHE A 284 -19.74 -10.08 -22.98
N TYR A 285 -19.11 -9.60 -21.91
CA TYR A 285 -19.81 -9.05 -20.76
C TYR A 285 -19.13 -7.77 -20.30
N PHE A 286 -19.84 -6.65 -20.42
CA PHE A 286 -19.34 -5.35 -19.99
C PHE A 286 -19.17 -5.30 -18.49
N ILE A 287 -18.04 -4.75 -18.05
CA ILE A 287 -17.80 -4.54 -16.61
C ILE A 287 -17.63 -3.08 -16.21
N GLU A 288 -16.94 -2.31 -17.05
CA GLU A 288 -16.71 -0.89 -16.79
C GLU A 288 -16.19 -0.13 -18.01
N MET A 289 -16.34 1.19 -18.00
CA MET A 289 -15.82 2.04 -19.06
C MET A 289 -14.81 3.03 -18.52
N ASN A 290 -13.66 3.11 -19.20
CA ASN A 290 -12.67 4.13 -18.93
C ASN A 290 -12.84 5.31 -19.89
N THR A 291 -12.99 6.50 -19.32
CA THR A 291 -13.31 7.69 -20.08
C THR A 291 -12.09 8.56 -20.27
N ARG A 292 -11.03 7.94 -20.79
CA ARG A 292 -9.73 8.59 -20.97
C ARG A 292 -8.90 7.75 -21.94
N ILE A 293 -7.78 8.29 -22.39
CA ILE A 293 -6.80 7.51 -23.13
C ILE A 293 -6.09 6.56 -22.16
N GLN A 294 -5.81 5.34 -22.61
CA GLN A 294 -5.20 4.34 -21.76
C GLN A 294 -3.73 4.10 -22.06
N VAL A 295 -3.01 3.55 -21.08
CA VAL A 295 -1.63 3.12 -21.21
C VAL A 295 -1.42 2.36 -22.51
N GLU A 296 -2.31 1.39 -22.78
CA GLU A 296 -2.17 0.41 -23.86
C GLU A 296 -2.69 0.88 -25.22
N HIS A 297 -2.95 2.18 -25.36
CA HIS A 297 -3.48 2.73 -26.61
C HIS A 297 -2.62 2.50 -27.87
N PRO A 298 -1.27 2.50 -27.73
CA PRO A 298 -0.40 2.29 -28.91
C PRO A 298 -0.65 1.05 -29.78
N VAL A 299 -1.11 -0.06 -29.20
CA VAL A 299 -1.38 -1.27 -30.00
C VAL A 299 -2.57 -1.12 -30.94
N THR A 300 -3.55 -0.28 -30.54
CA THR A 300 -4.69 0.05 -31.39
C THR A 300 -4.27 0.98 -32.54
N GLU A 301 -3.36 1.92 -32.25
CA GLU A 301 -2.77 2.80 -33.25
C GLU A 301 -2.02 2.02 -34.34
N MET A 302 -1.23 1.03 -33.93
CA MET A 302 -0.42 0.25 -34.86
C MET A 302 -1.28 -0.48 -35.90
N ILE A 303 -2.40 -1.03 -35.45
CA ILE A 303 -3.23 -1.88 -36.29
C ILE A 303 -4.32 -1.14 -37.08
N THR A 304 -4.55 0.13 -36.76
CA THR A 304 -5.57 0.94 -37.45
C THR A 304 -4.97 2.13 -38.21
N GLY A 305 -3.80 2.58 -37.77
CA GLY A 305 -3.17 3.77 -38.34
C GLY A 305 -3.66 5.08 -37.75
N VAL A 306 -4.53 5.00 -36.75
CA VAL A 306 -5.12 6.20 -36.14
C VAL A 306 -4.30 6.67 -34.95
N ASP A 307 -3.88 7.93 -35.00
CA ASP A 307 -3.26 8.61 -33.89
C ASP A 307 -4.34 9.09 -32.94
N LEU A 308 -4.48 8.38 -31.83
CA LEU A 308 -5.58 8.59 -30.89
C LEU A 308 -5.43 9.89 -30.10
N ILE A 309 -4.20 10.21 -29.72
CA ILE A 309 -3.91 11.47 -29.01
C ILE A 309 -4.19 12.69 -29.89
N LYS A 310 -3.76 12.65 -31.15
CA LYS A 310 -4.10 13.67 -32.14
C LYS A 310 -5.61 13.82 -32.31
N GLU A 311 -6.33 12.70 -32.31
CA GLU A 311 -7.78 12.72 -32.40
C GLU A 311 -8.42 13.40 -31.20
N GLN A 312 -7.89 13.14 -30.01
CA GLN A 312 -8.34 13.80 -28.79
C GLN A 312 -8.22 15.31 -28.91
N LEU A 313 -7.10 15.78 -29.46
CA LEU A 313 -6.88 17.22 -29.64
C LEU A 313 -7.76 17.80 -30.75
N ARG A 314 -8.02 17.01 -31.79
CA ARG A 314 -8.93 17.45 -32.86
C ARG A 314 -10.36 17.59 -32.34
N ILE A 315 -10.82 16.59 -31.59
CA ILE A 315 -12.16 16.59 -31.00
C ILE A 315 -12.37 17.79 -30.06
N ALA A 316 -11.41 18.05 -29.20
CA ALA A 316 -11.47 19.14 -28.22
C ALA A 316 -11.56 20.53 -28.88
N ALA A 317 -10.98 20.64 -30.07
CA ALA A 317 -10.99 21.88 -30.84
C ALA A 317 -12.24 22.04 -31.72
N GLY A 318 -13.09 21.02 -31.74
CA GLY A 318 -14.33 21.06 -32.52
C GLY A 318 -14.22 20.57 -33.95
N GLN A 319 -13.14 19.86 -34.25
CA GLN A 319 -12.99 19.18 -35.54
C GLN A 319 -13.73 17.86 -35.48
N PRO A 320 -14.22 17.36 -36.64
CA PRO A 320 -14.85 16.03 -36.63
C PRO A 320 -13.79 14.93 -36.58
N LEU A 321 -14.22 13.68 -36.54
CA LEU A 321 -13.28 12.56 -36.62
C LEU A 321 -12.69 12.53 -38.03
N SER A 322 -11.37 12.41 -38.11
CA SER A 322 -10.68 12.41 -39.41
C SER A 322 -10.88 11.10 -40.17
N ILE A 323 -11.47 10.10 -39.50
CA ILE A 323 -11.78 8.80 -40.09
C ILE A 323 -13.27 8.46 -39.98
N LYS A 324 -13.82 7.83 -41.02
CA LYS A 324 -15.15 7.22 -40.99
C LYS A 324 -15.01 5.77 -40.53
N GLN A 325 -16.08 5.21 -39.96
CA GLN A 325 -16.10 3.81 -39.52
C GLN A 325 -15.77 2.83 -40.65
N GLU A 326 -16.25 3.14 -41.85
CA GLU A 326 -16.01 2.36 -43.06
C GLU A 326 -14.53 2.40 -43.51
N GLU A 327 -13.79 3.39 -42.99
CA GLU A 327 -12.39 3.57 -43.33
C GLU A 327 -11.45 2.99 -42.27
N VAL A 328 -12.02 2.37 -41.24
CA VAL A 328 -11.24 1.78 -40.16
C VAL A 328 -11.06 0.30 -40.42
N HIS A 329 -9.83 -0.08 -40.78
CA HIS A 329 -9.50 -1.47 -41.07
C HIS A 329 -8.40 -1.99 -40.14
N VAL A 330 -8.62 -3.19 -39.60
CA VAL A 330 -7.60 -3.87 -38.82
C VAL A 330 -6.59 -4.50 -39.76
N ARG A 331 -5.32 -4.10 -39.61
CA ARG A 331 -4.24 -4.68 -40.40
C ARG A 331 -3.07 -5.05 -39.50
N GLY A 332 -2.65 -6.30 -39.60
CA GLY A 332 -1.52 -6.80 -38.85
C GLY A 332 -1.83 -7.05 -37.39
N HIS A 333 -0.78 -6.97 -36.57
CA HIS A 333 -0.87 -7.33 -35.17
C HIS A 333 0.22 -6.61 -34.38
N ALA A 334 -0.13 -6.20 -33.16
CA ALA A 334 0.78 -5.46 -32.30
C ALA A 334 0.74 -6.02 -30.89
N VAL A 335 1.90 -6.05 -30.25
CA VAL A 335 2.06 -6.51 -28.88
C VAL A 335 2.75 -5.38 -28.12
N GLU A 336 2.30 -5.11 -26.90
CA GLU A 336 2.95 -4.13 -26.03
C GLU A 336 3.45 -4.80 -24.75
N CYS A 337 4.71 -4.55 -24.42
CA CYS A 337 5.28 -4.95 -23.15
C CYS A 337 5.52 -3.71 -22.29
N ARG A 338 4.93 -3.71 -21.10
CA ARG A 338 5.20 -2.66 -20.12
C ARG A 338 6.55 -2.91 -19.50
N ILE A 339 7.36 -1.86 -19.45
CA ILE A 339 8.66 -1.92 -18.81
C ILE A 339 8.57 -1.19 -17.47
N ASN A 340 8.85 -1.94 -16.40
CA ASN A 340 8.72 -1.44 -15.05
C ASN A 340 10.05 -1.43 -14.32
N ALA A 341 10.31 -0.37 -13.57
CA ALA A 341 11.41 -0.37 -12.61
C ALA A 341 10.91 -1.06 -11.34
N GLU A 342 11.13 -2.37 -11.28
CA GLU A 342 10.62 -3.22 -10.20
C GLU A 342 11.57 -4.36 -9.90
N ASP A 343 11.57 -4.80 -8.64
CA ASP A 343 12.35 -5.95 -8.22
C ASP A 343 11.66 -7.25 -8.65
N PRO A 344 12.42 -8.18 -9.28
CA PRO A 344 11.89 -9.44 -9.81
C PRO A 344 11.33 -10.42 -8.77
N ASN A 345 11.76 -10.29 -7.52
CA ASN A 345 11.35 -11.23 -6.47
C ASN A 345 10.19 -10.70 -5.62
N THR A 346 10.16 -9.38 -5.43
CA THR A 346 9.14 -8.74 -4.59
C THR A 346 8.03 -8.07 -5.41
N PHE A 347 8.36 -7.71 -6.65
CA PHE A 347 7.49 -6.90 -7.53
C PHE A 347 7.20 -5.50 -6.99
N LEU A 348 8.01 -5.06 -6.02
CA LEU A 348 7.94 -3.71 -5.47
C LEU A 348 8.69 -2.75 -6.37
N PRO A 349 8.26 -1.47 -6.41
CA PRO A 349 9.00 -0.46 -7.18
C PRO A 349 10.49 -0.45 -6.85
N SER A 350 11.32 -0.33 -7.88
CA SER A 350 12.76 -0.28 -7.71
C SER A 350 13.35 0.96 -8.39
N PRO A 351 13.19 2.14 -7.77
CA PRO A 351 13.73 3.39 -8.33
C PRO A 351 15.25 3.49 -8.25
N GLY A 352 15.81 4.53 -8.89
CA GLY A 352 17.25 4.75 -8.91
C GLY A 352 17.70 5.33 -10.23
N LYS A 353 19.02 5.47 -10.38
CA LYS A 353 19.62 6.10 -11.55
C LYS A 353 19.98 5.09 -12.64
N ILE A 354 19.54 5.39 -13.86
CA ILE A 354 19.91 4.63 -15.05
C ILE A 354 21.33 5.04 -15.48
N THR A 355 22.24 4.07 -15.49
CA THR A 355 23.65 4.34 -15.77
C THR A 355 23.98 4.15 -17.24
N ARG A 356 23.24 3.26 -17.89
CA ARG A 356 23.40 2.99 -19.30
C ARG A 356 22.02 2.72 -19.88
N PHE A 357 21.72 3.35 -21.00
CA PHE A 357 20.47 3.12 -21.70
C PHE A 357 20.67 2.94 -23.21
N HIS A 358 20.02 1.92 -23.76
CA HIS A 358 19.91 1.76 -25.19
C HIS A 358 18.53 1.27 -25.58
N ALA A 359 17.89 2.00 -26.49
CA ALA A 359 16.58 1.65 -27.03
C ALA A 359 16.69 0.78 -28.28
N PRO A 360 15.77 -0.19 -28.43
CA PRO A 360 15.77 -1.04 -29.62
C PRO A 360 15.26 -0.29 -30.86
N GLY A 361 15.61 -0.80 -32.04
CA GLY A 361 15.17 -0.17 -33.29
C GLY A 361 14.63 -1.16 -34.30
N GLY A 362 14.38 -0.67 -35.52
CA GLY A 362 13.97 -1.55 -36.61
C GLY A 362 12.54 -1.41 -37.08
N PHE A 363 12.21 -2.21 -38.09
CA PHE A 363 10.90 -2.21 -38.74
C PHE A 363 9.84 -2.77 -37.80
N GLY A 364 8.84 -1.96 -37.50
CA GLY A 364 7.73 -2.35 -36.64
C GLY A 364 8.01 -2.22 -35.15
N VAL A 365 9.07 -1.52 -34.79
CA VAL A 365 9.46 -1.36 -33.38
C VAL A 365 9.21 0.07 -32.91
N ARG A 366 8.38 0.20 -31.87
CA ARG A 366 8.02 1.50 -31.32
C ARG A 366 8.34 1.50 -29.84
N TRP A 367 9.19 2.45 -29.43
CA TRP A 367 9.63 2.56 -28.04
C TRP A 367 9.04 3.83 -27.42
N GLU A 368 8.13 3.63 -26.47
CA GLU A 368 7.44 4.74 -25.81
C GLU A 368 7.99 4.94 -24.40
N SER A 369 8.95 5.85 -24.27
CA SER A 369 9.57 6.12 -22.97
C SER A 369 10.29 7.45 -22.90
N HIS A 370 10.29 8.00 -21.68
CA HIS A 370 10.95 9.26 -21.37
C HIS A 370 12.37 9.06 -20.84
N ILE A 371 12.72 7.82 -20.49
CA ILE A 371 14.00 7.53 -19.86
C ILE A 371 15.18 7.75 -20.80
N TYR A 372 16.32 8.08 -20.20
CA TYR A 372 17.57 8.27 -20.91
C TYR A 372 18.75 7.92 -20.00
N ALA A 373 19.94 7.85 -20.58
CA ALA A 373 21.16 7.55 -19.83
C ALA A 373 21.46 8.67 -18.85
N GLY A 374 21.55 8.31 -17.57
CA GLY A 374 21.79 9.27 -16.50
C GLY A 374 20.53 9.79 -15.84
N TYR A 375 19.37 9.36 -16.34
CA TYR A 375 18.09 9.76 -15.75
C TYR A 375 17.79 8.97 -14.46
N THR A 376 17.20 9.67 -13.50
CA THR A 376 16.84 9.06 -12.23
C THR A 376 15.34 8.87 -12.14
N VAL A 377 14.93 7.61 -12.04
CA VAL A 377 13.55 7.24 -11.77
C VAL A 377 13.28 7.56 -10.30
N PRO A 378 12.35 8.50 -10.02
CA PRO A 378 11.98 8.90 -8.66
C PRO A 378 11.11 7.84 -7.97
N PRO A 379 11.16 7.80 -6.62
CA PRO A 379 10.35 6.84 -5.86
C PRO A 379 8.89 7.24 -5.62
N TYR A 380 8.50 8.42 -6.09
CA TYR A 380 7.21 9.01 -5.71
C TYR A 380 6.03 8.61 -6.60
N TYR A 381 6.33 8.00 -7.75
CA TYR A 381 5.30 7.74 -8.78
C TYR A 381 5.27 6.26 -9.19
N ASP A 382 4.44 5.91 -10.17
CA ASP A 382 4.30 4.51 -10.61
C ASP A 382 5.59 3.94 -11.22
N SER A 383 5.70 2.60 -11.18
CA SER A 383 6.94 1.93 -11.55
C SER A 383 7.18 1.81 -13.05
N MET A 384 6.13 2.00 -13.85
CA MET A 384 6.25 1.87 -15.29
C MET A 384 7.05 3.02 -15.89
N ILE A 385 8.17 2.69 -16.52
CA ILE A 385 9.12 3.67 -17.04
C ILE A 385 9.18 3.70 -18.57
N GLY A 386 8.45 2.79 -19.20
CA GLY A 386 8.45 2.68 -20.65
C GLY A 386 7.55 1.61 -21.22
N LYS A 387 7.25 1.75 -22.51
CA LYS A 387 6.43 0.80 -23.24
C LYS A 387 7.14 0.41 -24.52
N LEU A 388 7.34 -0.89 -24.70
CA LEU A 388 7.87 -1.43 -25.95
C LEU A 388 6.70 -2.02 -26.74
N ILE A 389 6.45 -1.46 -27.91
CA ILE A 389 5.37 -1.91 -28.79
C ILE A 389 5.99 -2.40 -30.09
N CYS A 390 5.66 -3.63 -30.47
CA CYS A 390 6.12 -4.18 -31.74
C CYS A 390 4.96 -4.60 -32.62
N TYR A 391 5.10 -4.28 -33.91
CA TYR A 391 4.05 -4.53 -34.88
C TYR A 391 4.56 -5.48 -35.98
N GLY A 392 3.71 -6.39 -36.41
CA GLY A 392 4.03 -7.28 -37.51
C GLY A 392 2.82 -7.52 -38.40
N GLU A 393 3.07 -8.14 -39.56
CA GLU A 393 2.00 -8.48 -40.51
C GLU A 393 1.03 -9.51 -39.93
N ASN A 394 1.52 -10.27 -38.95
CA ASN A 394 0.70 -11.20 -38.15
C ASN A 394 1.24 -11.29 -36.70
N ARG A 395 0.55 -12.05 -35.87
CA ARG A 395 0.86 -12.17 -34.45
C ARG A 395 2.26 -12.75 -34.21
N ASP A 396 2.58 -13.83 -34.91
CA ASP A 396 3.89 -14.47 -34.81
C ASP A 396 5.07 -13.54 -35.13
N VAL A 397 4.93 -12.72 -36.18
CA VAL A 397 5.95 -11.71 -36.53
C VAL A 397 6.09 -10.63 -35.44
N ALA A 398 4.95 -10.17 -34.91
CA ALA A 398 4.93 -9.20 -33.82
C ALA A 398 5.65 -9.71 -32.57
N ILE A 399 5.37 -10.96 -32.19
CA ILE A 399 6.04 -11.61 -31.06
C ILE A 399 7.53 -11.81 -31.34
N ALA A 400 7.86 -12.20 -32.57
CA ALA A 400 9.25 -12.41 -32.98
C ALA A 400 10.07 -11.12 -32.91
N ARG A 401 9.46 -10.01 -33.32
CA ARG A 401 10.08 -8.67 -33.26
C ARG A 401 10.24 -8.19 -31.84
N MET A 402 9.28 -8.56 -30.99
CA MET A 402 9.30 -8.23 -29.58
C MET A 402 10.50 -8.85 -28.88
N LYS A 403 10.71 -10.15 -29.12
CA LYS A 403 11.86 -10.89 -28.58
C LYS A 403 13.18 -10.25 -28.98
N ASN A 404 13.31 -9.89 -30.25
CA ASN A 404 14.49 -9.20 -30.76
C ASN A 404 14.70 -7.86 -30.08
N ALA A 405 13.63 -7.06 -30.02
CA ALA A 405 13.68 -5.72 -29.41
C ALA A 405 14.05 -5.80 -27.93
N LEU A 406 13.42 -6.71 -27.20
CA LEU A 406 13.70 -6.90 -25.77
C LEU A 406 15.17 -7.22 -25.50
N GLN A 407 15.78 -7.94 -26.42
CA GLN A 407 17.19 -8.31 -26.34
C GLN A 407 18.14 -7.14 -26.69
N GLU A 408 17.64 -6.17 -27.44
CA GLU A 408 18.38 -4.95 -27.75
C GLU A 408 18.29 -3.91 -26.64
N LEU A 409 17.23 -4.01 -25.84
CA LEU A 409 16.95 -3.05 -24.77
C LEU A 409 17.93 -3.17 -23.60
N ILE A 410 18.68 -2.09 -23.37
CA ILE A 410 19.58 -2.02 -22.22
C ILE A 410 19.05 -0.96 -21.27
N ILE A 411 18.85 -1.36 -20.02
CA ILE A 411 18.53 -0.44 -18.94
C ILE A 411 19.34 -0.90 -17.72
N ASP A 412 20.52 -0.30 -17.55
CA ASP A 412 21.40 -0.61 -16.44
C ASP A 412 21.22 0.37 -15.29
N GLY A 413 21.64 -0.04 -14.10
CA GLY A 413 21.62 0.83 -12.92
C GLY A 413 20.37 0.65 -12.06
N ILE A 414 19.31 0.12 -12.68
CA ILE A 414 18.06 -0.21 -11.98
C ILE A 414 17.59 -1.61 -12.34
N LYS A 415 16.73 -2.17 -11.49
CA LYS A 415 16.09 -3.45 -11.74
C LYS A 415 14.86 -3.27 -12.61
N THR A 416 14.70 -4.15 -13.59
CA THR A 416 13.54 -4.09 -14.50
C THR A 416 12.87 -5.46 -14.69
N ASN A 417 11.73 -5.45 -15.36
CA ASN A 417 10.98 -6.67 -15.68
C ASN A 417 11.23 -7.15 -17.10
N VAL A 418 12.35 -6.71 -17.67
CA VAL A 418 12.74 -7.05 -19.06
C VAL A 418 12.92 -8.56 -19.21
N ASP A 419 13.57 -9.18 -18.22
CA ASP A 419 13.78 -10.62 -18.23
C ASP A 419 12.48 -11.42 -18.13
N LEU A 420 11.49 -10.87 -17.39
CA LEU A 420 10.18 -11.50 -17.29
C LEU A 420 9.42 -11.39 -18.60
N GLN A 421 9.48 -10.22 -19.23
CA GLN A 421 8.86 -9.99 -20.52
C GLN A 421 9.40 -10.96 -21.57
N ILE A 422 10.71 -11.19 -21.52
CA ILE A 422 11.36 -12.18 -22.39
C ILE A 422 10.79 -13.59 -22.15
N ARG A 423 10.65 -13.97 -20.89
CA ARG A 423 10.05 -15.26 -20.49
C ARG A 423 8.62 -15.43 -21.01
N ILE A 424 7.83 -14.36 -20.95
CA ILE A 424 6.44 -14.39 -21.44
C ILE A 424 6.38 -14.57 -22.95
N MET A 425 7.21 -13.81 -23.68
CA MET A 425 7.31 -13.95 -25.13
C MET A 425 7.70 -15.36 -25.56
N ASN A 426 8.54 -16.02 -24.75
CA ASN A 426 8.98 -17.39 -24.98
C ASN A 426 8.04 -18.46 -24.40
N ASP A 427 6.93 -18.02 -23.81
CA ASP A 427 5.96 -18.92 -23.20
C ASP A 427 5.09 -19.58 -24.27
N GLU A 428 5.06 -20.92 -24.28
CA GLU A 428 4.34 -21.69 -25.32
C GLU A 428 2.83 -21.44 -25.34
N ASN A 429 2.24 -21.20 -24.16
CA ASN A 429 0.81 -20.89 -24.06
C ASN A 429 0.49 -19.50 -24.60
N PHE A 430 1.32 -18.51 -24.23
CA PHE A 430 1.24 -17.17 -24.82
C PHE A 430 1.41 -17.22 -26.34
N GLN A 431 2.38 -18.01 -26.80
CA GLN A 431 2.67 -18.16 -28.24
C GLN A 431 1.52 -18.80 -29.00
N HIS A 432 0.75 -19.64 -28.32
CA HIS A 432 -0.49 -20.17 -28.86
C HIS A 432 -1.57 -19.09 -28.88
N GLY A 433 -1.63 -18.30 -27.81
CA GLY A 433 -2.61 -17.21 -27.68
C GLY A 433 -3.89 -17.63 -26.99
N GLY A 434 -4.61 -16.66 -26.44
CA GLY A 434 -5.91 -16.91 -25.83
C GLY A 434 -5.93 -17.27 -24.35
N THR A 435 -4.81 -17.03 -23.66
CA THR A 435 -4.70 -17.33 -22.23
C THR A 435 -5.54 -16.36 -21.39
N ASN A 436 -6.09 -16.87 -20.28
CA ASN A 436 -6.98 -16.05 -19.45
C ASN A 436 -6.25 -15.14 -18.47
N ILE A 437 -7.03 -14.40 -17.69
CA ILE A 437 -6.52 -13.39 -16.74
C ILE A 437 -5.74 -14.01 -15.56
N HIS A 438 -5.86 -15.32 -15.38
CA HIS A 438 -5.21 -15.99 -14.26
C HIS A 438 -3.89 -16.66 -14.64
N TYR A 439 -3.58 -16.68 -15.94
CA TYR A 439 -2.41 -17.43 -16.42
C TYR A 439 -1.07 -16.98 -15.84
N LEU A 440 -0.79 -15.68 -15.84
CA LEU A 440 0.52 -15.19 -15.43
C LEU A 440 0.84 -15.50 -13.98
N GLU A 441 -0.14 -15.30 -13.10
CA GLU A 441 0.02 -15.59 -11.67
C GLU A 441 0.29 -17.07 -11.37
N LYS A 442 -0.29 -17.96 -12.17
CA LYS A 442 -0.06 -19.39 -11.98
C LYS A 442 1.22 -19.90 -12.66
N LYS A 443 1.68 -19.16 -13.68
CA LYS A 443 2.99 -19.42 -14.29
C LYS A 443 4.09 -19.02 -13.31
N LEU A 444 3.91 -17.87 -12.67
CA LEU A 444 4.83 -17.33 -11.66
C LEU A 444 4.86 -18.18 -10.39
N GLY A 445 3.77 -18.89 -10.10
CA GLY A 445 3.69 -19.80 -8.96
C GLY A 445 4.59 -21.01 -9.14
N MET B 1 13.63 17.39 2.64
CA MET B 1 12.82 17.12 3.87
C MET B 1 11.34 17.48 3.71
N LEU B 2 10.49 16.75 4.44
CA LEU B 2 9.04 16.89 4.39
C LEU B 2 8.62 18.25 4.93
N ASP B 3 7.77 18.96 4.17
CA ASP B 3 7.34 20.31 4.54
C ASP B 3 6.37 20.28 5.72
N LYS B 4 5.41 19.37 5.66
CA LYS B 4 4.31 19.31 6.61
C LYS B 4 3.79 17.89 6.67
N ILE B 5 3.59 17.38 7.89
CA ILE B 5 3.07 16.04 8.09
C ILE B 5 1.88 15.99 9.05
N VAL B 6 1.00 15.02 8.81
CA VAL B 6 -0.06 14.67 9.74
C VAL B 6 0.45 13.61 10.70
N ILE B 7 0.28 13.85 12.00
CA ILE B 7 0.62 12.85 13.00
C ILE B 7 -0.66 12.08 13.32
N ALA B 8 -0.80 10.90 12.72
CA ALA B 8 -2.04 10.11 12.83
C ALA B 8 -2.02 9.20 14.05
N ASN B 9 -1.97 9.84 15.23
CA ASN B 9 -1.92 9.14 16.51
C ASN B 9 -2.18 10.11 17.65
N ARG B 10 -1.94 9.66 18.88
CA ARG B 10 -2.24 10.41 20.09
C ARG B 10 -1.21 10.10 21.17
N GLY B 11 -1.45 10.59 22.38
CA GLY B 11 -0.65 10.20 23.55
C GLY B 11 0.82 10.54 23.46
N GLU B 12 1.65 9.68 24.05
CA GLU B 12 3.08 9.91 24.15
C GLU B 12 3.78 9.86 22.79
N ILE B 13 3.30 8.99 21.90
CA ILE B 13 3.97 8.77 20.60
C ILE B 13 3.77 9.95 19.66
N ALA B 14 2.56 10.50 19.64
CA ALA B 14 2.29 11.74 18.90
C ALA B 14 3.20 12.87 19.37
N LEU B 15 3.42 12.95 20.67
CA LEU B 15 4.39 13.91 21.22
C LEU B 15 5.82 13.62 20.77
N ARG B 16 6.20 12.34 20.77
CA ARG B 16 7.49 11.89 20.28
C ARG B 16 7.72 12.31 18.84
N ILE B 17 6.74 12.06 17.98
CA ILE B 17 6.79 12.44 16.56
C ILE B 17 6.81 13.96 16.38
N LEU B 18 6.00 14.67 17.15
CA LEU B 18 5.97 16.13 17.08
C LEU B 18 7.34 16.76 17.35
N ARG B 19 8.01 16.32 18.42
CA ARG B 19 9.33 16.83 18.77
C ARG B 19 10.36 16.60 17.68
N ALA B 20 10.32 15.43 17.05
CA ALA B 20 11.26 15.10 15.96
C ALA B 20 11.04 15.99 14.73
N CYS B 21 9.77 16.31 14.47
CA CYS B 21 9.40 17.20 13.37
C CYS B 21 9.94 18.61 13.59
N LYS B 22 9.74 19.12 14.80
CA LYS B 22 10.18 20.48 15.16
C LYS B 22 11.70 20.64 15.07
N GLU B 23 12.43 19.60 15.48
CA GLU B 23 13.90 19.59 15.37
C GLU B 23 14.35 19.69 13.91
N LEU B 24 13.55 19.11 13.02
CA LEU B 24 13.85 19.07 11.59
C LEU B 24 13.21 20.22 10.80
N GLY B 25 12.38 21.02 11.46
CA GLY B 25 11.71 22.14 10.79
C GLY B 25 10.53 21.70 9.94
N ILE B 26 9.97 20.54 10.29
CA ILE B 26 8.80 20.00 9.62
C ILE B 26 7.53 20.50 10.32
N LYS B 27 6.61 21.07 9.56
CA LYS B 27 5.35 21.55 10.11
C LYS B 27 4.47 20.38 10.54
N THR B 28 3.73 20.57 11.63
CA THR B 28 2.96 19.48 12.22
C THR B 28 1.46 19.72 12.11
N VAL B 29 0.73 18.68 11.75
CA VAL B 29 -0.72 18.68 11.82
C VAL B 29 -1.14 17.63 12.84
N ALA B 30 -1.80 18.08 13.92
CA ALA B 30 -2.30 17.17 14.94
C ALA B 30 -3.78 16.88 14.73
N VAL B 31 -4.08 15.68 14.24
CA VAL B 31 -5.46 15.21 14.14
C VAL B 31 -5.88 14.56 15.47
N HIS B 32 -7.00 15.01 16.02
CA HIS B 32 -7.42 14.54 17.34
C HIS B 32 -8.91 14.27 17.41
N SER B 33 -9.31 13.44 18.35
CA SER B 33 -10.72 13.27 18.69
C SER B 33 -11.17 14.43 19.56
N SER B 34 -12.47 14.56 19.75
CA SER B 34 -13.02 15.62 20.61
C SER B 34 -12.61 15.47 22.07
N ALA B 35 -12.26 14.25 22.46
CA ALA B 35 -11.76 13.97 23.81
C ALA B 35 -10.28 14.34 24.00
N ASP B 36 -9.56 14.53 22.89
CA ASP B 36 -8.12 14.75 22.93
C ASP B 36 -7.68 16.17 22.57
N ARG B 37 -8.60 17.11 22.76
CA ARG B 37 -8.39 18.53 22.52
C ARG B 37 -7.21 19.11 23.32
N ASP B 38 -7.00 18.58 24.53
CA ASP B 38 -5.99 19.08 25.44
C ASP B 38 -4.75 18.16 25.58
N LEU B 39 -4.53 17.26 24.61
CA LEU B 39 -3.26 16.53 24.54
C LEU B 39 -2.11 17.53 24.39
N LYS B 40 -1.00 17.25 25.07
CA LYS B 40 0.19 18.11 25.03
C LYS B 40 0.65 18.43 23.61
N HIS B 41 0.70 17.41 22.75
CA HIS B 41 1.20 17.60 21.38
C HIS B 41 0.22 18.40 20.51
N VAL B 42 -1.07 18.17 20.70
CA VAL B 42 -2.13 18.94 20.02
C VAL B 42 -1.93 20.43 20.32
N LEU B 43 -1.67 20.75 21.59
CA LEU B 43 -1.46 22.12 22.04
C LEU B 43 -0.15 22.74 21.52
N LEU B 44 0.80 21.89 21.12
CA LEU B 44 2.10 22.36 20.66
C LEU B 44 2.18 22.38 19.14
N ALA B 45 1.25 21.71 18.48
CA ALA B 45 1.23 21.56 17.04
C ALA B 45 1.04 22.88 16.31
N ASP B 46 1.51 22.94 15.08
CA ASP B 46 1.34 24.11 14.22
C ASP B 46 -0.10 24.27 13.77
N GLU B 47 -0.74 23.15 13.42
CA GLU B 47 -2.15 23.11 13.03
C GLU B 47 -2.84 21.93 13.70
N THR B 48 -4.12 22.10 14.03
CA THR B 48 -4.92 21.02 14.57
C THR B 48 -6.20 20.78 13.75
N VAL B 49 -6.64 19.53 13.66
CA VAL B 49 -7.91 19.19 13.04
C VAL B 49 -8.65 18.17 13.91
N CYS B 50 -9.92 18.45 14.22
CA CYS B 50 -10.75 17.48 14.93
C CYS B 50 -11.32 16.51 13.91
N ILE B 51 -10.99 15.23 14.07
CA ILE B 51 -11.38 14.21 13.11
C ILE B 51 -12.54 13.31 13.59
N GLY B 52 -13.26 13.76 14.61
CA GLY B 52 -14.46 13.04 15.06
C GLY B 52 -14.52 12.82 16.55
N PRO B 53 -15.61 12.19 17.02
CA PRO B 53 -15.83 11.93 18.44
C PRO B 53 -14.83 10.95 19.08
N ALA B 54 -14.89 10.86 20.41
CA ALA B 54 -13.94 10.10 21.23
C ALA B 54 -13.61 8.67 20.78
N PRO B 55 -14.64 7.82 20.50
CA PRO B 55 -14.30 6.43 20.15
C PRO B 55 -13.35 6.38 18.97
N SER B 56 -12.36 5.49 19.05
CA SER B 56 -11.29 5.43 18.04
C SER B 56 -11.80 5.11 16.64
N VAL B 57 -12.79 4.22 16.56
CA VAL B 57 -13.45 3.85 15.30
C VAL B 57 -13.98 5.08 14.55
N LYS B 58 -14.32 6.11 15.33
CA LYS B 58 -14.89 7.35 14.81
C LYS B 58 -13.82 8.38 14.49
N SER B 59 -12.62 8.16 15.02
CA SER B 59 -11.56 9.16 14.93
C SER B 59 -10.24 8.59 14.41
N TYR B 60 -9.43 8.03 15.30
CA TYR B 60 -8.08 7.56 14.97
C TYR B 60 -8.02 6.38 14.00
N LEU B 61 -9.13 5.66 13.85
CA LEU B 61 -9.23 4.56 12.90
C LEU B 61 -10.06 4.94 11.66
N ASN B 62 -10.46 6.21 11.60
CA ASN B 62 -11.33 6.75 10.54
C ASN B 62 -10.48 7.27 9.38
N ILE B 63 -10.24 6.39 8.41
CA ILE B 63 -9.34 6.68 7.28
C ILE B 63 -9.75 7.90 6.43
N PRO B 64 -11.02 7.97 5.99
CA PRO B 64 -11.45 9.15 5.21
C PRO B 64 -11.22 10.47 5.94
N ALA B 65 -11.46 10.50 7.25
CA ALA B 65 -11.35 11.74 8.04
C ALA B 65 -9.90 12.18 8.22
N ILE B 66 -9.00 11.20 8.36
CA ILE B 66 -7.57 11.47 8.52
C ILE B 66 -6.99 12.01 7.21
N ILE B 67 -7.37 11.38 6.11
CA ILE B 67 -6.94 11.78 4.78
C ILE B 67 -7.54 13.14 4.39
N SER B 68 -8.81 13.36 4.71
CA SER B 68 -9.44 14.67 4.56
C SER B 68 -8.62 15.76 5.26
N ALA B 69 -8.23 15.51 6.51
CA ALA B 69 -7.42 16.47 7.28
C ALA B 69 -6.06 16.78 6.63
N ALA B 70 -5.43 15.75 6.08
CA ALA B 70 -4.15 15.89 5.37
C ALA B 70 -4.28 16.65 4.05
N GLU B 71 -5.45 16.51 3.40
CA GLU B 71 -5.74 17.23 2.17
C GLU B 71 -5.96 18.72 2.43
N ILE B 72 -6.77 19.04 3.43
CA ILE B 72 -7.15 20.42 3.72
C ILE B 72 -6.00 21.28 4.28
N THR B 73 -5.05 20.65 4.97
CA THR B 73 -3.90 21.37 5.56
C THR B 73 -2.71 21.47 4.60
N GLY B 74 -2.79 20.77 3.47
CA GLY B 74 -1.68 20.71 2.54
C GLY B 74 -0.49 19.94 3.07
N ALA B 75 -0.75 18.88 3.82
CA ALA B 75 0.30 17.97 4.27
C ALA B 75 0.83 17.13 3.11
N VAL B 76 2.04 16.61 3.25
CA VAL B 76 2.65 15.79 2.19
C VAL B 76 2.93 14.36 2.64
N ALA B 77 2.75 14.11 3.94
CA ALA B 77 3.09 12.83 4.55
C ALA B 77 2.26 12.54 5.79
N ILE B 78 2.05 11.26 6.08
CA ILE B 78 1.32 10.85 7.28
C ILE B 78 2.13 9.84 8.09
N HIS B 79 2.34 10.13 9.38
CA HIS B 79 3.00 9.21 10.30
C HIS B 79 1.95 8.52 11.18
N PRO B 80 1.84 7.20 11.05
CA PRO B 80 0.81 6.46 11.79
C PRO B 80 1.18 6.11 13.23
N GLY B 81 2.45 6.32 13.60
CA GLY B 81 2.97 5.97 14.92
C GLY B 81 3.00 4.46 15.10
N TYR B 82 2.41 3.99 16.20
CA TYR B 82 2.13 2.57 16.41
C TYR B 82 0.69 2.45 16.90
N GLY B 83 0.14 1.24 16.81
CA GLY B 83 -1.09 0.90 17.52
C GLY B 83 -2.43 1.13 16.86
N PHE B 84 -2.50 1.98 15.85
CA PHE B 84 -3.82 2.28 15.28
C PHE B 84 -3.93 1.75 13.86
N LEU B 85 -3.55 2.60 12.91
CA LEU B 85 -3.57 2.27 11.51
C LEU B 85 -2.16 1.98 10.97
N SER B 86 -1.18 1.93 11.88
CA SER B 86 0.23 1.75 11.50
C SER B 86 0.54 0.45 10.74
N GLU B 87 -0.23 -0.59 11.03
CA GLU B 87 -0.04 -1.86 10.34
C GLU B 87 -1.26 -2.28 9.53
N ASN B 88 -2.08 -1.29 9.18
CA ASN B 88 -3.21 -1.46 8.28
C ASN B 88 -2.74 -1.18 6.85
N ALA B 89 -2.50 -2.25 6.11
CA ALA B 89 -1.99 -2.19 4.74
C ALA B 89 -2.90 -1.38 3.81
N ASN B 90 -4.20 -1.52 3.99
CA ASN B 90 -5.18 -0.75 3.21
C ASN B 90 -5.03 0.75 3.42
N PHE B 91 -4.71 1.15 4.66
CA PHE B 91 -4.44 2.55 4.97
C PHE B 91 -3.19 3.05 4.26
N ALA B 92 -2.07 2.33 4.41
CA ALA B 92 -0.80 2.68 3.75
C ALA B 92 -0.98 2.84 2.24
N GLU B 93 -1.67 1.87 1.64
CA GLU B 93 -2.03 1.90 0.22
C GLU B 93 -2.84 3.15 -0.12
N GLN B 94 -3.88 3.43 0.68
CA GLN B 94 -4.74 4.60 0.46
C GLN B 94 -3.99 5.92 0.58
N VAL B 95 -3.11 6.02 1.57
CA VAL B 95 -2.27 7.21 1.77
C VAL B 95 -1.48 7.56 0.50
N GLU B 96 -0.79 6.56 -0.05
CA GLU B 96 -0.01 6.73 -1.29
C GLU B 96 -0.91 7.02 -2.50
N ARG B 97 -2.02 6.30 -2.62
CA ARG B 97 -2.97 6.51 -3.72
C ARG B 97 -3.56 7.93 -3.72
N SER B 98 -3.71 8.52 -2.54
CA SER B 98 -4.18 9.89 -2.40
C SER B 98 -3.05 10.90 -2.62
N GLY B 99 -1.85 10.41 -2.88
CA GLY B 99 -0.72 11.25 -3.25
C GLY B 99 0.18 11.68 -2.12
N PHE B 100 0.01 11.04 -0.96
CA PHE B 100 0.82 11.35 0.22
C PHE B 100 1.96 10.35 0.40
N ILE B 101 2.96 10.76 1.17
CA ILE B 101 3.99 9.86 1.63
C ILE B 101 3.51 9.17 2.90
N PHE B 102 3.58 7.84 2.90
CA PHE B 102 3.32 7.06 4.11
C PHE B 102 4.66 6.85 4.82
N ILE B 103 4.73 7.22 6.09
CA ILE B 103 5.96 7.03 6.86
C ILE B 103 5.93 5.63 7.46
N GLY B 104 6.49 4.71 6.68
CA GLY B 104 6.43 3.29 6.98
C GLY B 104 6.75 2.48 5.74
N PRO B 105 6.53 1.15 5.81
CA PRO B 105 6.91 0.30 4.69
C PRO B 105 5.92 0.45 3.53
N LYS B 106 6.23 -0.18 2.40
CA LYS B 106 5.27 -0.29 1.30
C LYS B 106 4.10 -1.17 1.73
N ALA B 107 2.91 -0.85 1.21
CA ALA B 107 1.67 -1.53 1.57
C ALA B 107 1.76 -3.06 1.50
N GLU B 108 2.40 -3.58 0.45
CA GLU B 108 2.48 -5.02 0.26
C GLU B 108 3.51 -5.69 1.19
N THR B 109 4.39 -4.89 1.77
CA THR B 109 5.32 -5.37 2.79
C THR B 109 4.57 -5.54 4.13
N ILE B 110 3.70 -4.59 4.43
CA ILE B 110 2.86 -4.66 5.63
C ILE B 110 2.02 -5.92 5.62
N ARG B 111 1.36 -6.20 4.50
CA ARG B 111 0.51 -7.40 4.42
C ARG B 111 1.27 -8.72 4.28
N LEU B 112 2.45 -8.70 3.65
CA LEU B 112 3.35 -9.86 3.66
C LEU B 112 3.78 -10.22 5.07
N MET B 113 4.17 -9.23 5.86
CA MET B 113 4.65 -9.44 7.22
C MET B 113 3.54 -9.39 8.27
N GLY B 114 2.34 -8.99 7.85
CA GLY B 114 1.18 -8.96 8.74
C GLY B 114 0.48 -10.30 8.78
N ASP B 115 0.74 -11.11 7.75
CA ASP B 115 0.27 -12.49 7.67
C ASP B 115 1.41 -13.38 8.17
N LYS B 116 1.23 -13.96 9.36
CA LYS B 116 2.27 -14.72 10.03
C LYS B 116 2.85 -15.89 9.22
N VAL B 117 2.00 -16.63 8.51
CA VAL B 117 2.48 -17.73 7.65
C VAL B 117 3.34 -17.20 6.50
N SER B 118 2.92 -16.11 5.88
CA SER B 118 3.65 -15.47 4.79
C SER B 118 4.98 -14.93 5.26
N ALA B 119 4.97 -14.22 6.39
CA ALA B 119 6.16 -13.61 6.98
C ALA B 119 7.24 -14.64 7.30
N ILE B 120 6.83 -15.72 7.96
CA ILE B 120 7.73 -16.82 8.31
C ILE B 120 8.38 -17.44 7.07
N ALA B 121 7.58 -17.68 6.03
CA ALA B 121 8.09 -18.23 4.77
C ALA B 121 9.19 -17.35 4.18
N ALA B 122 8.95 -16.04 4.19
CA ALA B 122 9.90 -15.06 3.65
C ALA B 122 11.20 -15.03 4.45
N MET B 123 11.08 -15.22 5.76
CA MET B 123 12.22 -15.20 6.67
C MET B 123 13.10 -16.45 6.57
N LYS B 124 12.46 -17.61 6.36
CA LYS B 124 13.22 -18.84 6.13
C LYS B 124 14.02 -18.74 4.83
N LYS B 125 13.37 -18.22 3.80
CA LYS B 125 13.98 -17.97 2.49
C LYS B 125 15.20 -17.05 2.60
N ALA B 126 15.10 -16.01 3.43
CA ALA B 126 16.17 -15.02 3.61
C ALA B 126 17.36 -15.51 4.44
N GLY B 127 17.14 -16.55 5.24
CA GLY B 127 18.20 -17.11 6.08
C GLY B 127 18.06 -16.74 7.55
N VAL B 128 16.91 -16.18 7.90
CA VAL B 128 16.58 -15.87 9.29
C VAL B 128 16.06 -17.14 9.97
N PRO B 129 16.64 -17.51 11.13
CA PRO B 129 16.20 -18.72 11.83
C PRO B 129 14.78 -18.58 12.38
N CYS B 130 13.99 -19.63 12.19
CA CYS B 130 12.61 -19.67 12.65
C CYS B 130 12.41 -20.86 13.57
N VAL B 131 11.24 -20.94 14.19
CA VAL B 131 10.88 -22.10 15.01
C VAL B 131 10.60 -23.29 14.07
N PRO B 132 11.13 -24.49 14.42
CA PRO B 132 10.66 -25.71 13.77
C PRO B 132 9.13 -25.73 13.75
N GLY B 133 8.55 -25.89 12.56
CA GLY B 133 7.10 -25.78 12.42
C GLY B 133 6.52 -26.42 11.18
N SER B 134 5.23 -26.18 10.98
CA SER B 134 4.49 -26.73 9.84
C SER B 134 4.96 -26.23 8.47
N ASP B 135 5.67 -25.10 8.47
CA ASP B 135 6.16 -24.46 7.24
C ASP B 135 5.03 -24.16 6.26
N GLY B 136 3.89 -23.75 6.81
CA GLY B 136 2.68 -23.50 6.03
C GLY B 136 1.43 -23.68 6.87
N PRO B 137 0.25 -23.47 6.26
CA PRO B 137 -1.02 -23.63 6.97
C PRO B 137 -1.35 -25.09 7.27
N LEU B 138 -2.13 -25.31 8.31
CA LEU B 138 -2.61 -26.64 8.65
C LEU B 138 -3.85 -26.97 7.83
N GLY B 139 -3.94 -28.22 7.37
CA GLY B 139 -5.10 -28.68 6.64
C GLY B 139 -6.16 -29.26 7.56
N ASP B 140 -7.14 -29.95 6.97
CA ASP B 140 -8.21 -30.60 7.72
C ASP B 140 -7.87 -32.06 8.01
N ASP B 141 -6.90 -32.60 7.28
CA ASP B 141 -6.43 -33.97 7.47
C ASP B 141 -5.63 -34.10 8.76
N MET B 142 -6.25 -34.71 9.77
CA MET B 142 -5.64 -34.90 11.08
C MET B 142 -4.53 -35.96 11.06
N ASP B 143 -4.42 -36.70 9.95
CA ASP B 143 -3.28 -37.57 9.70
C ASP B 143 -2.04 -36.74 9.39
N LYS B 144 -2.20 -35.76 8.51
CA LYS B 144 -1.14 -34.83 8.13
C LYS B 144 -0.67 -33.99 9.33
N ASN B 145 -1.65 -33.52 10.11
CA ASN B 145 -1.38 -32.63 11.25
C ASN B 145 -0.70 -33.32 12.44
N ARG B 146 -0.95 -34.62 12.60
CA ARG B 146 -0.37 -35.40 13.69
C ARG B 146 1.09 -35.76 13.41
N ALA B 147 1.41 -35.95 12.13
CA ALA B 147 2.77 -36.29 11.69
C ALA B 147 3.74 -35.11 11.81
N ILE B 148 3.22 -33.90 11.66
CA ILE B 148 4.01 -32.68 11.83
C ILE B 148 4.40 -32.52 13.31
N ALA B 149 3.45 -32.79 14.21
CA ALA B 149 3.67 -32.72 15.64
C ALA B 149 4.72 -33.70 16.14
N LYS B 150 4.74 -34.90 15.57
CA LYS B 150 5.74 -35.92 15.88
C LYS B 150 7.13 -35.55 15.35
N ARG B 151 7.16 -34.97 14.16
CA ARG B 151 8.39 -34.49 13.53
C ARG B 151 9.02 -33.38 14.37
N ILE B 152 8.16 -32.43 14.75
CA ILE B 152 8.55 -31.28 15.58
C ILE B 152 8.93 -31.73 17.01
N GLY B 153 8.04 -32.48 17.64
CA GLY B 153 8.22 -32.93 19.02
C GLY B 153 7.43 -32.09 20.01
N TYR B 154 6.64 -32.76 20.84
CA TYR B 154 5.78 -32.09 21.81
C TYR B 154 6.56 -31.41 22.95
N PRO B 155 6.03 -30.28 23.49
CA PRO B 155 4.76 -29.65 23.14
C PRO B 155 4.84 -28.82 21.86
N VAL B 156 3.68 -28.61 21.23
CA VAL B 156 3.57 -27.76 20.05
C VAL B 156 2.57 -26.63 20.31
N ILE B 157 2.63 -25.58 19.49
CA ILE B 157 1.66 -24.49 19.61
C ILE B 157 0.95 -24.23 18.28
N ILE B 158 -0.36 -24.05 18.36
CA ILE B 158 -1.19 -23.70 17.20
C ILE B 158 -1.43 -22.20 17.23
N LYS B 159 -1.12 -21.54 16.11
CA LYS B 159 -1.21 -20.08 16.01
C LYS B 159 -2.06 -19.62 14.83
N ALA B 160 -2.83 -18.56 15.06
CA ALA B 160 -3.58 -17.91 13.99
C ALA B 160 -2.63 -17.09 13.12
N SER B 161 -2.77 -17.23 11.81
CA SER B 161 -1.97 -16.45 10.86
C SER B 161 -2.42 -14.98 10.84
N GLY B 162 -3.74 -14.79 10.70
CA GLY B 162 -4.34 -13.45 10.65
C GLY B 162 -4.24 -12.67 11.94
N GLY B 163 -3.88 -13.35 13.02
CA GLY B 163 -3.60 -12.70 14.28
C GLY B 163 -2.22 -12.06 14.26
N GLY B 164 -1.56 -12.01 15.42
CA GLY B 164 -2.14 -12.49 16.66
C GLY B 164 -1.39 -11.93 17.84
N GLY B 165 -2.10 -11.19 18.70
CA GLY B 165 -1.53 -10.66 19.94
C GLY B 165 -1.26 -11.80 20.90
N GLY B 166 -2.32 -12.29 21.52
CA GLY B 166 -2.25 -13.44 22.42
C GLY B 166 -3.58 -14.17 22.53
N ARG B 167 -4.46 -13.94 21.54
CA ARG B 167 -5.79 -14.56 21.51
C ARG B 167 -5.79 -15.89 20.77
N GLY B 168 -5.28 -15.88 19.53
CA GLY B 168 -5.29 -17.06 18.67
C GLY B 168 -4.10 -17.98 18.91
N MET B 169 -3.98 -18.46 20.15
CA MET B 169 -2.88 -19.33 20.54
C MET B 169 -3.38 -20.45 21.43
N ARG B 170 -2.91 -21.66 21.17
CA ARG B 170 -3.26 -22.82 21.98
C ARG B 170 -2.12 -23.82 22.04
N VAL B 171 -1.71 -24.17 23.26
CA VAL B 171 -0.63 -25.14 23.49
C VAL B 171 -1.20 -26.56 23.53
N VAL B 172 -0.55 -27.47 22.83
CA VAL B 172 -0.94 -28.88 22.81
C VAL B 172 0.23 -29.75 23.26
N ARG B 173 -0.03 -30.65 24.21
CA ARG B 173 1.02 -31.50 24.78
C ARG B 173 0.86 -32.98 24.46
N GLY B 174 -0.20 -33.31 23.71
CA GLY B 174 -0.45 -34.70 23.30
C GLY B 174 -1.30 -34.80 22.04
N ASP B 175 -1.36 -36.01 21.47
CA ASP B 175 -2.13 -36.28 20.26
C ASP B 175 -3.65 -36.25 20.50
N ALA B 176 -4.06 -36.60 21.71
CA ALA B 176 -5.47 -36.67 22.08
C ALA B 176 -6.15 -35.31 22.19
N GLU B 177 -5.35 -34.27 22.44
CA GLU B 177 -5.87 -32.90 22.56
C GLU B 177 -5.67 -32.10 21.26
N LEU B 178 -5.02 -32.72 20.28
CA LEU B 178 -4.63 -32.03 19.04
C LEU B 178 -5.81 -31.62 18.14
N ALA B 179 -6.77 -32.51 17.99
CA ALA B 179 -7.94 -32.27 17.14
C ALA B 179 -8.79 -31.09 17.63
N GLN B 180 -9.11 -31.08 18.92
CA GLN B 180 -9.90 -30.02 19.54
C GLN B 180 -9.22 -28.66 19.47
N SER B 181 -7.90 -28.67 19.64
CA SER B 181 -7.08 -27.46 19.70
C SER B 181 -7.04 -26.69 18.38
N ILE B 182 -6.93 -27.41 17.27
CA ILE B 182 -6.95 -26.81 15.93
C ILE B 182 -8.34 -26.25 15.63
N SER B 183 -9.37 -26.97 16.09
CA SER B 183 -10.77 -26.56 15.94
C SER B 183 -11.06 -25.26 16.70
N MET B 184 -10.64 -25.19 17.97
CA MET B 184 -10.78 -23.99 18.80
C MET B 184 -10.10 -22.77 18.17
N THR B 185 -8.86 -22.96 17.73
CA THR B 185 -8.04 -21.87 17.21
C THR B 185 -8.58 -21.32 15.88
N ARG B 186 -9.13 -22.21 15.05
CA ARG B 186 -9.77 -21.80 13.80
C ARG B 186 -11.03 -20.99 14.04
N ALA B 187 -11.79 -21.39 15.05
CA ALA B 187 -13.03 -20.69 15.43
C ALA B 187 -12.72 -19.31 15.99
N GLU B 188 -11.72 -19.23 16.87
CA GLU B 188 -11.30 -17.98 17.51
C GLU B 188 -10.67 -17.01 16.52
N ALA B 189 -9.97 -17.53 15.52
CA ALA B 189 -9.29 -16.71 14.52
C ALA B 189 -10.27 -16.13 13.49
N LYS B 190 -11.27 -16.93 13.10
CA LYS B 190 -12.29 -16.51 12.15
C LYS B 190 -13.24 -15.47 12.76
N ALA B 191 -13.58 -15.67 14.03
CA ALA B 191 -14.47 -14.76 14.75
C ALA B 191 -13.86 -13.38 14.95
N ALA B 192 -12.54 -13.34 15.11
CA ALA B 192 -11.82 -12.10 15.35
C ALA B 192 -11.25 -11.48 14.07
N PHE B 193 -10.34 -12.21 13.42
CA PHE B 193 -9.52 -11.65 12.35
C PHE B 193 -10.03 -11.94 10.94
N SER B 194 -11.17 -12.63 10.86
CA SER B 194 -11.80 -13.02 9.59
C SER B 194 -10.88 -13.90 8.73
N ASN B 195 -9.95 -14.58 9.41
CA ASN B 195 -8.98 -15.45 8.77
C ASN B 195 -8.73 -16.66 9.66
N ASP B 196 -9.32 -17.80 9.28
CA ASP B 196 -9.25 -19.03 10.06
C ASP B 196 -7.97 -19.84 9.80
N MET B 197 -7.02 -19.21 9.09
CA MET B 197 -5.74 -19.85 8.78
C MET B 197 -4.92 -19.99 10.05
N VAL B 198 -4.56 -21.22 10.36
CA VAL B 198 -3.73 -21.52 11.53
C VAL B 198 -2.46 -22.26 11.10
N TYR B 199 -1.49 -22.32 12.00
CA TYR B 199 -0.24 -23.03 11.75
C TYR B 199 0.37 -23.58 13.04
N MET B 200 1.36 -24.45 12.89
CA MET B 200 1.98 -25.12 14.02
C MET B 200 3.47 -24.84 14.08
N GLU B 201 3.98 -24.66 15.29
CA GLU B 201 5.41 -24.64 15.56
C GLU B 201 5.71 -25.34 16.90
N LYS B 202 6.98 -25.63 17.14
CA LYS B 202 7.42 -26.19 18.42
C LYS B 202 7.13 -25.20 19.53
N TYR B 203 6.52 -25.68 20.63
CA TYR B 203 6.31 -24.82 21.78
C TYR B 203 7.59 -24.66 22.57
N LEU B 204 8.04 -23.42 22.70
CA LEU B 204 9.24 -23.09 23.46
C LEU B 204 8.86 -22.75 24.90
N GLU B 205 9.28 -23.62 25.82
CA GLU B 205 8.74 -23.67 27.17
C GLU B 205 9.03 -22.41 27.99
N ASN B 206 10.31 -22.07 28.13
CA ASN B 206 10.74 -20.94 28.95
C ASN B 206 11.72 -19.99 28.21
N PRO B 207 11.25 -19.33 27.14
CA PRO B 207 12.15 -18.49 26.34
C PRO B 207 12.21 -17.02 26.82
N ARG B 208 13.19 -16.29 26.31
CA ARG B 208 13.24 -14.83 26.48
C ARG B 208 12.72 -14.15 25.21
N HIS B 209 12.17 -12.95 25.37
CA HIS B 209 11.69 -12.15 24.25
C HIS B 209 12.76 -11.13 23.84
N VAL B 210 13.50 -11.48 22.78
CA VAL B 210 14.57 -10.64 22.26
C VAL B 210 14.23 -10.19 20.84
N GLU B 211 14.34 -8.89 20.58
CA GLU B 211 13.98 -8.34 19.27
C GLU B 211 15.05 -7.40 18.70
N ILE B 212 15.18 -7.40 17.37
CA ILE B 212 16.20 -6.61 16.69
C ILE B 212 15.60 -5.43 15.93
N GLN B 213 16.12 -4.24 16.23
CA GLN B 213 15.72 -3.02 15.58
C GLN B 213 16.46 -2.90 14.27
N VAL B 214 15.71 -2.59 13.21
CA VAL B 214 16.33 -2.32 11.90
C VAL B 214 15.94 -0.95 11.35
N LEU B 215 16.74 -0.46 10.40
CA LEU B 215 16.41 0.70 9.58
C LEU B 215 16.77 0.38 8.13
N ALA B 216 15.81 0.55 7.24
CA ALA B 216 16.06 0.42 5.80
C ALA B 216 15.51 1.62 5.05
N ASP B 217 16.24 2.07 4.03
CA ASP B 217 15.80 3.21 3.22
C ASP B 217 14.92 2.84 2.02
N GLY B 218 14.80 1.54 1.75
CA GLY B 218 14.06 1.04 0.60
C GLY B 218 14.86 1.22 -0.68
N GLN B 219 16.16 1.48 -0.53
CA GLN B 219 17.06 1.74 -1.65
C GLN B 219 18.23 0.74 -1.65
N GLY B 220 18.05 -0.36 -0.94
CA GLY B 220 19.08 -1.40 -0.86
C GLY B 220 19.92 -1.38 0.40
N ASN B 221 19.89 -0.27 1.14
CA ASN B 221 20.60 -0.16 2.41
C ASN B 221 19.70 -0.53 3.60
N ALA B 222 20.29 -1.26 4.54
CA ALA B 222 19.60 -1.67 5.77
C ALA B 222 20.63 -1.89 6.86
N ILE B 223 20.32 -1.41 8.06
CA ILE B 223 21.19 -1.61 9.21
C ILE B 223 20.40 -2.13 10.40
N TYR B 224 21.06 -2.91 11.25
CA TYR B 224 20.49 -3.33 12.52
C TYR B 224 21.07 -2.49 13.65
N LEU B 225 20.23 -2.20 14.64
CA LEU B 225 20.62 -1.36 15.76
C LEU B 225 20.49 -2.12 17.08
N ALA B 226 21.36 -3.12 17.24
CA ALA B 226 21.41 -3.99 18.42
C ALA B 226 20.06 -4.63 18.73
N GLU B 227 19.92 -5.13 19.95
CA GLU B 227 18.72 -5.87 20.35
C GLU B 227 18.08 -5.27 21.60
N ARG B 228 16.84 -5.69 21.87
CA ARG B 228 16.13 -5.34 23.09
C ARG B 228 15.62 -6.61 23.73
N ASP B 229 15.67 -6.67 25.06
CA ASP B 229 15.02 -7.73 25.81
C ASP B 229 13.72 -7.20 26.38
N CYS B 230 12.62 -7.86 26.03
CA CYS B 230 11.28 -7.47 26.47
C CYS B 230 10.55 -8.61 27.19
N SER B 231 11.27 -9.35 28.01
CA SER B 231 10.73 -10.56 28.65
C SER B 231 9.80 -10.25 29.82
N MET B 232 10.05 -9.13 30.51
CA MET B 232 9.20 -8.68 31.61
C MET B 232 7.85 -8.22 31.08
N GLN B 233 6.91 -9.16 31.06
CA GLN B 233 5.61 -8.95 30.45
C GLN B 233 4.53 -9.68 31.24
N ARG B 234 3.29 -9.26 31.05
CA ARG B 234 2.14 -9.90 31.66
C ARG B 234 1.07 -9.99 30.60
N ARG B 235 0.56 -11.20 30.37
CA ARG B 235 -0.56 -11.44 29.45
C ARG B 235 -0.33 -10.82 28.06
N HIS B 236 0.86 -11.06 27.50
CA HIS B 236 1.24 -10.52 26.18
C HIS B 236 1.38 -8.98 26.17
N GLN B 237 1.54 -8.40 27.35
CA GLN B 237 1.69 -6.95 27.51
C GLN B 237 3.03 -6.66 28.18
N LYS B 238 3.92 -6.02 27.43
CA LYS B 238 5.27 -5.67 27.90
C LYS B 238 5.18 -4.68 29.06
N VAL B 239 6.08 -4.85 30.03
CA VAL B 239 6.09 -4.02 31.24
C VAL B 239 7.45 -3.31 31.42
N VAL B 240 8.54 -4.06 31.26
CA VAL B 240 9.89 -3.52 31.26
C VAL B 240 10.60 -3.98 29.98
N GLU B 241 11.29 -3.05 29.32
CA GLU B 241 12.16 -3.38 28.19
C GLU B 241 13.57 -2.85 28.46
N GLU B 242 14.58 -3.55 27.94
CA GLU B 242 15.96 -3.12 28.13
C GLU B 242 16.85 -3.35 26.91
N ALA B 243 17.90 -2.54 26.83
CA ALA B 243 18.86 -2.61 25.73
C ALA B 243 20.28 -2.36 26.26
N PRO B 244 21.25 -3.19 25.84
CA PRO B 244 21.07 -4.43 25.10
C PRO B 244 20.50 -5.56 25.97
N ALA B 245 20.42 -6.77 25.43
CA ALA B 245 19.94 -7.92 26.20
C ALA B 245 21.09 -8.54 26.98
N PRO B 246 20.91 -8.73 28.31
CA PRO B 246 21.93 -9.38 29.13
C PRO B 246 22.26 -10.80 28.64
N GLY B 247 23.54 -11.08 28.47
CA GLY B 247 24.00 -12.41 28.02
C GLY B 247 24.41 -12.48 26.56
N ILE B 248 23.78 -11.65 25.73
CA ILE B 248 24.05 -11.63 24.29
C ILE B 248 25.43 -11.04 24.02
N THR B 249 26.29 -11.85 23.41
CA THR B 249 27.65 -11.45 23.07
C THR B 249 27.66 -10.58 21.81
N PRO B 250 28.74 -9.78 21.61
CA PRO B 250 28.91 -9.03 20.36
C PRO B 250 28.82 -9.91 19.11
N GLU B 251 29.32 -11.15 19.22
CA GLU B 251 29.30 -12.09 18.10
C GLU B 251 27.92 -12.68 17.80
N LEU B 252 27.15 -12.99 18.84
CA LEU B 252 25.74 -13.35 18.68
C LEU B 252 24.94 -12.20 18.07
N ARG B 253 25.23 -10.98 18.54
CA ARG B 253 24.57 -9.75 18.10
C ARG B 253 24.70 -9.55 16.59
N ARG B 254 25.92 -9.70 16.07
CA ARG B 254 26.15 -9.50 14.64
C ARG B 254 25.72 -10.69 13.78
N TYR B 255 25.67 -11.88 14.39
CA TYR B 255 25.11 -13.06 13.72
C TYR B 255 23.66 -12.82 13.33
N ILE B 256 22.82 -12.51 14.31
CA ILE B 256 21.39 -12.32 14.08
C ILE B 256 21.07 -10.96 13.45
N GLY B 257 21.88 -9.95 13.76
CA GLY B 257 21.74 -8.63 13.17
C GLY B 257 21.92 -8.61 11.66
N GLU B 258 22.98 -9.27 11.18
CA GLU B 258 23.26 -9.37 9.74
C GLU B 258 22.20 -10.13 8.95
N ARG B 259 21.60 -11.15 9.59
CA ARG B 259 20.49 -11.90 9.00
C ARG B 259 19.20 -11.06 8.89
N CYS B 260 18.99 -10.17 9.84
CA CYS B 260 17.85 -9.25 9.80
C CYS B 260 18.07 -8.15 8.76
N ALA B 261 19.30 -7.66 8.67
CA ALA B 261 19.66 -6.62 7.70
C ALA B 261 19.53 -7.11 6.25
N LYS B 262 19.98 -8.34 5.98
CA LYS B 262 19.86 -8.88 4.63
C LYS B 262 18.43 -9.34 4.32
N ALA B 263 17.69 -9.74 5.35
CA ALA B 263 16.25 -10.01 5.21
C ALA B 263 15.49 -8.78 4.73
N CYS B 264 15.92 -7.61 5.20
CA CYS B 264 15.34 -6.33 4.79
C CYS B 264 15.61 -6.05 3.31
N VAL B 265 16.83 -6.31 2.87
CA VAL B 265 17.21 -6.14 1.46
C VAL B 265 16.37 -7.07 0.57
N ASP B 266 16.17 -8.31 1.03
CA ASP B 266 15.42 -9.32 0.31
C ASP B 266 13.94 -8.97 0.13
N ILE B 267 13.30 -8.49 1.19
CA ILE B 267 11.87 -8.17 1.18
C ILE B 267 11.60 -6.73 0.75
N GLY B 268 12.67 -5.98 0.49
CA GLY B 268 12.58 -4.58 0.05
C GLY B 268 12.01 -3.67 1.12
N TYR B 269 12.31 -3.98 2.37
CA TYR B 269 11.80 -3.23 3.52
C TYR B 269 12.20 -1.76 3.47
N ARG B 270 11.32 -0.90 3.99
CA ARG B 270 11.56 0.53 4.01
C ARG B 270 11.08 1.13 5.32
N GLY B 271 12.01 1.75 6.05
CA GLY B 271 11.71 2.41 7.32
C GLY B 271 12.25 1.69 8.53
N ALA B 272 11.68 2.01 9.69
CA ALA B 272 12.00 1.33 10.93
C ALA B 272 11.15 0.08 11.04
N GLY B 273 11.76 -1.01 11.51
CA GLY B 273 11.08 -2.28 11.69
C GLY B 273 11.69 -3.05 12.83
N THR B 274 10.93 -3.99 13.38
CA THR B 274 11.42 -4.83 14.47
C THR B 274 11.17 -6.31 14.19
N PHE B 275 12.24 -7.09 14.18
CA PHE B 275 12.16 -8.54 14.11
C PHE B 275 12.06 -9.10 15.53
N GLU B 276 10.97 -9.81 15.82
CA GLU B 276 10.77 -10.40 17.16
C GLU B 276 11.19 -11.86 17.20
N PHE B 277 12.13 -12.16 18.09
CA PHE B 277 12.63 -13.52 18.28
C PHE B 277 12.31 -14.07 19.66
N LEU B 278 12.21 -15.38 19.73
CA LEU B 278 12.27 -16.11 20.99
C LEU B 278 13.69 -16.60 21.17
N PHE B 279 14.26 -16.33 22.35
CA PHE B 279 15.62 -16.75 22.66
C PHE B 279 15.60 -17.81 23.76
N GLU B 280 16.14 -18.98 23.45
CA GLU B 280 16.21 -20.10 24.39
C GLU B 280 17.39 -20.98 24.05
N ASN B 281 18.10 -21.43 25.09
CA ASN B 281 19.26 -22.31 24.93
C ASN B 281 20.33 -21.76 23.97
N GLY B 282 20.45 -20.44 23.90
CA GLY B 282 21.46 -19.78 23.08
C GLY B 282 21.11 -19.67 21.60
N GLU B 283 19.84 -19.93 21.26
CA GLU B 283 19.37 -19.93 19.87
C GLU B 283 18.25 -18.93 19.66
N PHE B 284 18.23 -18.32 18.48
CA PHE B 284 17.19 -17.36 18.08
C PHE B 284 16.12 -18.03 17.21
N TYR B 285 14.86 -17.68 17.46
CA TYR B 285 13.74 -18.21 16.67
C TYR B 285 12.74 -17.10 16.30
N PHE B 286 12.70 -16.76 15.02
CA PHE B 286 11.80 -15.71 14.53
C PHE B 286 10.32 -16.03 14.77
N ILE B 287 9.60 -15.05 15.30
CA ILE B 287 8.21 -15.20 15.68
C ILE B 287 7.29 -14.34 14.82
N GLU B 288 7.62 -13.05 14.72
CA GLU B 288 6.86 -12.09 13.92
C GLU B 288 7.65 -10.81 13.69
N MET B 289 7.24 -10.04 12.67
CA MET B 289 7.83 -8.74 12.44
C MET B 289 6.81 -7.62 12.63
N ASN B 290 7.24 -6.59 13.37
CA ASN B 290 6.49 -5.36 13.51
C ASN B 290 6.97 -4.33 12.48
N THR B 291 6.13 -4.05 11.50
CA THR B 291 6.45 -3.16 10.39
C THR B 291 6.15 -1.69 10.71
N ARG B 292 6.79 -1.17 11.75
CA ARG B 292 6.51 0.17 12.29
C ARG B 292 7.50 0.47 13.42
N ILE B 293 7.46 1.70 13.90
CA ILE B 293 8.16 2.05 15.15
C ILE B 293 7.43 1.40 16.32
N GLN B 294 8.16 1.18 17.42
CA GLN B 294 7.58 0.51 18.57
C GLN B 294 7.63 1.40 19.79
N VAL B 295 6.73 1.13 20.74
CA VAL B 295 6.75 1.77 22.07
C VAL B 295 8.16 1.85 22.64
N GLU B 296 8.88 0.72 22.61
CA GLU B 296 10.16 0.59 23.30
C GLU B 296 11.40 1.11 22.54
N HIS B 297 11.20 1.83 21.44
CA HIS B 297 12.32 2.35 20.64
C HIS B 297 13.37 3.20 21.40
N PRO B 298 12.95 3.97 22.42
CA PRO B 298 13.94 4.80 23.12
C PRO B 298 15.14 4.09 23.78
N VAL B 299 14.99 2.85 24.26
CA VAL B 299 16.12 2.14 24.88
C VAL B 299 17.23 1.83 23.86
N THR B 300 16.82 1.59 22.62
CA THR B 300 17.74 1.44 21.50
C THR B 300 18.40 2.77 21.15
N GLU B 301 17.65 3.86 21.28
CA GLU B 301 18.15 5.21 20.99
C GLU B 301 19.26 5.61 21.95
N MET B 302 19.09 5.31 23.24
CA MET B 302 20.07 5.63 24.27
C MET B 302 21.43 4.95 24.03
N ILE B 303 21.41 3.70 23.57
CA ILE B 303 22.61 2.88 23.48
C ILE B 303 23.34 2.95 22.13
N THR B 304 22.68 3.50 21.12
CA THR B 304 23.27 3.65 19.78
C THR B 304 23.50 5.11 19.39
N GLY B 305 22.75 6.02 20.00
CA GLY B 305 22.83 7.45 19.66
C GLY B 305 21.94 7.88 18.49
N VAL B 306 21.23 6.92 17.89
CA VAL B 306 20.42 7.15 16.70
C VAL B 306 19.00 7.61 17.05
N ASP B 307 18.56 8.70 16.44
CA ASP B 307 17.19 9.18 16.60
C ASP B 307 16.31 8.46 15.59
N LEU B 308 15.54 7.48 16.07
CA LEU B 308 14.83 6.55 15.20
C LEU B 308 13.67 7.18 14.44
N ILE B 309 12.99 8.14 15.09
CA ILE B 309 11.92 8.88 14.45
C ILE B 309 12.44 9.81 13.35
N LYS B 310 13.51 10.55 13.63
CA LYS B 310 14.16 11.39 12.60
C LYS B 310 14.61 10.58 11.40
N GLU B 311 15.16 9.39 11.65
CA GLU B 311 15.58 8.49 10.58
C GLU B 311 14.38 8.07 9.73
N GLN B 312 13.27 7.73 10.40
CA GLN B 312 12.01 7.46 9.73
C GLN B 312 11.61 8.58 8.79
N LEU B 313 11.77 9.81 9.27
CA LEU B 313 11.35 11.00 8.53
C LEU B 313 12.30 11.27 7.36
N ARG B 314 13.59 11.00 7.55
CA ARG B 314 14.60 11.14 6.50
C ARG B 314 14.43 10.11 5.39
N ILE B 315 14.12 8.87 5.78
CA ILE B 315 13.80 7.79 4.85
C ILE B 315 12.53 8.13 4.04
N ALA B 316 11.51 8.63 4.74
CA ALA B 316 10.27 9.08 4.10
C ALA B 316 10.51 10.20 3.07
N ALA B 317 11.44 11.11 3.38
CA ALA B 317 11.78 12.20 2.46
C ALA B 317 12.65 11.72 1.31
N GLY B 318 12.93 10.42 1.25
CA GLY B 318 13.67 9.83 0.14
C GLY B 318 15.18 9.87 0.26
N GLN B 319 15.68 10.11 1.48
CA GLN B 319 17.10 10.10 1.74
C GLN B 319 17.59 8.69 2.06
N PRO B 320 18.74 8.29 1.46
CA PRO B 320 19.33 7.00 1.80
C PRO B 320 19.94 7.01 3.20
N LEU B 321 20.17 5.85 3.77
CA LEU B 321 20.82 5.75 5.08
C LEU B 321 22.19 6.44 5.06
N SER B 322 22.34 7.47 5.89
CA SER B 322 23.62 8.15 6.09
C SER B 322 24.55 7.33 7.00
N ILE B 323 23.94 6.60 7.94
CA ILE B 323 24.66 5.74 8.87
C ILE B 323 25.08 4.44 8.20
N LYS B 324 26.35 4.06 8.36
CA LYS B 324 26.85 2.75 7.93
C LYS B 324 26.89 1.80 9.12
N GLN B 325 26.77 0.50 8.86
CA GLN B 325 26.74 -0.52 9.92
C GLN B 325 27.97 -0.45 10.83
N GLU B 326 29.14 -0.22 10.23
CA GLU B 326 30.40 -0.04 10.95
C GLU B 326 30.37 1.12 11.95
N GLU B 327 29.46 2.08 11.72
CA GLU B 327 29.32 3.27 12.56
C GLU B 327 28.31 3.09 13.71
N VAL B 328 27.58 1.97 13.71
CA VAL B 328 26.65 1.67 14.80
C VAL B 328 27.40 0.97 15.93
N HIS B 329 27.45 1.63 17.09
CA HIS B 329 28.15 1.10 18.26
C HIS B 329 27.22 1.05 19.47
N VAL B 330 27.20 -0.10 20.14
CA VAL B 330 26.47 -0.26 21.40
C VAL B 330 27.31 0.27 22.55
N ARG B 331 26.76 1.25 23.27
CA ARG B 331 27.44 1.86 24.40
C ARG B 331 26.48 1.98 25.58
N GLY B 332 26.95 1.52 26.74
CA GLY B 332 26.16 1.55 27.95
C GLY B 332 24.92 0.66 27.93
N HIS B 333 23.92 1.07 28.69
CA HIS B 333 22.74 0.24 28.89
C HIS B 333 21.53 1.11 29.24
N ALA B 334 20.37 0.73 28.71
CA ALA B 334 19.14 1.49 28.93
C ALA B 334 17.98 0.57 29.34
N VAL B 335 17.17 1.06 30.28
CA VAL B 335 15.98 0.36 30.79
C VAL B 335 14.75 1.24 30.63
N GLU B 336 13.66 0.67 30.13
CA GLU B 336 12.38 1.36 30.04
C GLU B 336 11.32 0.69 30.90
N CYS B 337 10.62 1.52 31.67
CA CYS B 337 9.44 1.10 32.41
C CYS B 337 8.20 1.78 31.82
N ARG B 338 7.22 0.99 31.41
CA ARG B 338 5.94 1.54 30.94
C ARG B 338 5.14 2.04 32.14
N ILE B 339 4.67 3.28 32.06
CA ILE B 339 3.80 3.84 33.09
C ILE B 339 2.36 3.76 32.58
N ASN B 340 1.55 2.97 33.27
CA ASN B 340 0.17 2.71 32.87
C ASN B 340 -0.83 3.25 33.90
N ALA B 341 -1.95 3.78 33.42
CA ALA B 341 -3.06 4.21 34.27
C ALA B 341 -3.96 3.01 34.60
N GLU B 342 -3.54 2.28 35.63
CA GLU B 342 -4.19 1.02 36.01
C GLU B 342 -3.73 0.62 37.39
N ASP B 343 -4.54 -0.20 38.07
CA ASP B 343 -4.19 -0.67 39.39
C ASP B 343 -2.91 -1.51 39.37
N PRO B 344 -1.96 -1.19 40.27
CA PRO B 344 -0.70 -1.95 40.38
C PRO B 344 -0.87 -3.40 40.82
N ASN B 345 -2.02 -3.74 41.41
CA ASN B 345 -2.33 -5.12 41.86
C ASN B 345 -3.33 -5.87 40.96
N THR B 346 -4.41 -5.21 40.57
CA THR B 346 -5.52 -5.85 39.86
C THR B 346 -5.53 -5.49 38.39
N PHE B 347 -4.86 -4.39 38.07
CA PHE B 347 -4.76 -3.88 36.69
C PHE B 347 -6.11 -3.42 36.10
N LEU B 348 -7.04 -3.04 37.00
CA LEU B 348 -8.23 -2.31 36.60
C LEU B 348 -7.80 -0.94 36.08
N PRO B 349 -8.26 -0.57 34.86
CA PRO B 349 -7.92 0.71 34.25
C PRO B 349 -8.30 1.88 35.14
N SER B 350 -7.45 2.90 35.15
CA SER B 350 -7.65 4.05 36.01
C SER B 350 -7.59 5.36 35.23
N PRO B 351 -8.61 5.64 34.38
CA PRO B 351 -8.65 6.96 33.77
C PRO B 351 -9.10 8.01 34.79
N GLY B 352 -8.88 9.28 34.48
CA GLY B 352 -9.34 10.36 35.35
C GLY B 352 -8.34 11.49 35.43
N LYS B 353 -8.65 12.49 36.24
CA LYS B 353 -7.85 13.71 36.31
C LYS B 353 -6.60 13.53 37.18
N ILE B 354 -5.45 13.82 36.58
CA ILE B 354 -4.20 13.92 37.32
C ILE B 354 -4.18 15.25 38.10
N THR B 355 -4.22 15.15 39.43
CA THR B 355 -4.35 16.33 40.28
C THR B 355 -2.99 16.89 40.69
N ARG B 356 -1.97 16.04 40.66
CA ARG B 356 -0.59 16.46 40.91
C ARG B 356 0.36 15.62 40.06
N PHE B 357 1.29 16.30 39.41
CA PHE B 357 2.31 15.65 38.59
C PHE B 357 3.70 16.28 38.76
N HIS B 358 4.68 15.43 39.06
CA HIS B 358 6.08 15.83 39.02
C HIS B 358 6.92 14.76 38.30
N ALA B 359 7.61 15.18 37.24
CA ALA B 359 8.47 14.29 36.46
C ALA B 359 9.84 14.13 37.11
N PRO B 360 10.39 12.91 37.07
CA PRO B 360 11.77 12.68 37.52
C PRO B 360 12.79 13.37 36.62
N GLY B 361 13.92 13.76 37.18
CA GLY B 361 15.02 14.33 36.41
C GLY B 361 16.35 13.64 36.68
N GLY B 362 17.44 14.24 36.22
CA GLY B 362 18.77 13.73 36.50
C GLY B 362 19.52 13.26 35.29
N PHE B 363 20.81 13.00 35.48
CA PHE B 363 21.70 12.48 34.43
C PHE B 363 21.27 11.09 34.01
N GLY B 364 21.06 10.91 32.70
CA GLY B 364 20.69 9.62 32.13
C GLY B 364 19.23 9.24 32.29
N VAL B 365 18.41 10.24 32.61
CA VAL B 365 16.97 10.04 32.82
C VAL B 365 16.19 10.71 31.68
N ARG B 366 15.35 9.92 31.02
CA ARG B 366 14.57 10.40 29.90
C ARG B 366 13.11 10.08 30.14
N TRP B 367 12.28 11.12 30.21
CA TRP B 367 10.87 10.98 30.48
C TRP B 367 10.04 11.26 29.23
N GLU B 368 9.30 10.25 28.79
CA GLU B 368 8.51 10.33 27.56
C GLU B 368 7.02 10.19 27.87
N SER B 369 6.35 11.33 28.00
CA SER B 369 4.93 11.35 28.37
C SER B 369 4.29 12.68 28.03
N HIS B 370 3.02 12.61 27.62
CA HIS B 370 2.19 13.78 27.31
C HIS B 370 1.43 14.30 28.54
N ILE B 371 1.58 13.63 29.68
CA ILE B 371 0.80 14.01 30.87
C ILE B 371 1.31 15.29 31.54
N TYR B 372 0.41 15.96 32.25
CA TYR B 372 0.72 17.18 33.00
C TYR B 372 -0.32 17.35 34.10
N ALA B 373 -0.03 18.17 35.10
CA ALA B 373 -0.97 18.41 36.19
C ALA B 373 -2.22 19.10 35.67
N GLY B 374 -3.37 18.51 35.97
CA GLY B 374 -4.65 19.00 35.47
C GLY B 374 -5.13 18.26 34.24
N TYR B 375 -4.29 17.39 33.70
CA TYR B 375 -4.64 16.60 32.53
C TYR B 375 -5.54 15.40 32.91
N THR B 376 -6.53 15.13 32.07
CA THR B 376 -7.43 14.00 32.27
C THR B 376 -7.11 12.87 31.30
N VAL B 377 -6.73 11.72 31.86
CA VAL B 377 -6.58 10.49 31.08
C VAL B 377 -7.99 10.00 30.73
N PRO B 378 -8.32 9.95 29.42
CA PRO B 378 -9.64 9.52 28.96
C PRO B 378 -9.85 8.02 29.10
N PRO B 379 -11.10 7.59 29.32
CA PRO B 379 -11.39 6.15 29.42
C PRO B 379 -11.37 5.40 28.08
N TYR B 380 -11.30 6.14 26.98
CA TYR B 380 -11.50 5.60 25.62
C TYR B 380 -10.33 4.83 25.00
N TYR B 381 -9.14 5.05 25.54
CA TYR B 381 -7.91 4.54 24.92
C TYR B 381 -7.08 3.68 25.88
N ASP B 382 -5.87 3.30 25.45
CA ASP B 382 -4.96 2.44 26.22
C ASP B 382 -4.58 2.98 27.60
N SER B 383 -4.08 2.11 28.46
CA SER B 383 -3.68 2.49 29.81
C SER B 383 -2.34 3.22 29.86
N MET B 384 -1.50 3.08 28.82
CA MET B 384 -0.15 3.63 28.88
C MET B 384 -0.11 5.12 28.67
N ILE B 385 0.38 5.83 29.68
CA ILE B 385 0.35 7.29 29.72
C ILE B 385 1.73 7.91 29.67
N GLY B 386 2.75 7.07 29.80
CA GLY B 386 4.14 7.53 29.82
C GLY B 386 5.17 6.41 29.80
N LYS B 387 6.40 6.79 29.48
CA LYS B 387 7.54 5.87 29.46
C LYS B 387 8.74 6.52 30.13
N LEU B 388 9.26 5.84 31.15
CA LEU B 388 10.45 6.30 31.87
C LEU B 388 11.67 5.48 31.43
N ILE B 389 12.69 6.16 30.93
CA ILE B 389 13.87 5.50 30.36
C ILE B 389 15.14 5.98 31.04
N CYS B 390 15.86 5.06 31.67
CA CYS B 390 17.11 5.41 32.34
C CYS B 390 18.32 4.74 31.69
N TYR B 391 19.34 5.55 31.44
CA TYR B 391 20.57 5.10 30.79
C TYR B 391 21.75 5.15 31.76
N GLY B 392 22.68 4.22 31.61
CA GLY B 392 23.92 4.22 32.39
C GLY B 392 25.06 3.57 31.63
N GLU B 393 26.29 3.77 32.10
CA GLU B 393 27.48 3.18 31.49
C GLU B 393 27.47 1.64 31.56
N ASN B 394 26.62 1.11 32.43
CA ASN B 394 26.33 -0.33 32.52
C ASN B 394 24.92 -0.57 33.06
N ARG B 395 24.48 -1.82 33.00
CA ARG B 395 23.14 -2.22 33.45
C ARG B 395 22.80 -1.81 34.89
N ASP B 396 23.73 -2.07 35.81
CA ASP B 396 23.55 -1.74 37.22
C ASP B 396 23.23 -0.26 37.46
N VAL B 397 23.95 0.61 36.75
CA VAL B 397 23.75 2.07 36.83
C VAL B 397 22.40 2.46 36.23
N ALA B 398 22.04 1.86 35.10
CA ALA B 398 20.72 2.06 34.51
C ALA B 398 19.61 1.68 35.50
N ILE B 399 19.75 0.53 36.13
CA ILE B 399 18.80 0.07 37.15
C ILE B 399 18.76 0.98 38.40
N ALA B 400 19.94 1.39 38.88
CA ALA B 400 20.04 2.30 40.03
C ALA B 400 19.35 3.62 39.74
N ARG B 401 19.61 4.20 38.56
CA ARG B 401 18.93 5.43 38.15
C ARG B 401 17.41 5.27 38.05
N MET B 402 16.94 4.13 37.54
CA MET B 402 15.51 3.87 37.42
C MET B 402 14.81 3.86 38.79
N LYS B 403 15.43 3.18 39.77
CA LYS B 403 14.93 3.14 41.14
C LYS B 403 14.73 4.54 41.73
N ASN B 404 15.71 5.41 41.51
CA ASN B 404 15.64 6.82 41.91
C ASN B 404 14.53 7.58 41.17
N ALA B 405 14.56 7.54 39.85
CA ALA B 405 13.56 8.20 39.00
C ALA B 405 12.13 7.83 39.39
N LEU B 406 11.86 6.54 39.52
CA LEU B 406 10.53 6.01 39.91
C LEU B 406 10.03 6.55 41.24
N GLN B 407 10.95 6.71 42.19
CA GLN B 407 10.65 7.26 43.51
C GLN B 407 10.31 8.75 43.43
N GLU B 408 10.93 9.45 42.49
CA GLU B 408 10.67 10.87 42.24
C GLU B 408 9.37 11.13 41.49
N LEU B 409 8.87 10.12 40.79
CA LEU B 409 7.70 10.28 39.93
C LEU B 409 6.42 10.41 40.76
N ILE B 410 5.74 11.54 40.61
CA ILE B 410 4.47 11.78 41.28
C ILE B 410 3.33 11.85 40.26
N ILE B 411 2.36 10.95 40.41
CA ILE B 411 1.12 10.97 39.63
C ILE B 411 -0.07 10.73 40.58
N ASP B 412 -0.75 11.81 40.95
CA ASP B 412 -1.88 11.74 41.87
C ASP B 412 -3.20 11.94 41.14
N GLY B 413 -4.26 11.33 41.66
CA GLY B 413 -5.60 11.47 41.10
C GLY B 413 -6.07 10.21 40.43
N ILE B 414 -5.10 9.44 39.92
CA ILE B 414 -5.35 8.15 39.30
C ILE B 414 -4.39 7.11 39.86
N LYS B 415 -4.70 5.84 39.64
CA LYS B 415 -3.82 4.74 39.99
C LYS B 415 -2.85 4.46 38.85
N THR B 416 -1.61 4.10 39.20
CA THR B 416 -0.62 3.72 38.20
C THR B 416 0.08 2.44 38.60
N ASN B 417 0.92 1.93 37.70
CA ASN B 417 1.70 0.74 37.97
C ASN B 417 3.11 1.05 38.51
N VAL B 418 3.31 2.28 38.97
CA VAL B 418 4.64 2.71 39.44
C VAL B 418 5.17 1.83 40.57
N ASP B 419 4.33 1.50 41.55
CA ASP B 419 4.70 0.64 42.68
C ASP B 419 5.08 -0.78 42.22
N LEU B 420 4.48 -1.27 41.14
CA LEU B 420 4.89 -2.54 40.53
C LEU B 420 6.29 -2.42 39.93
N GLN B 421 6.54 -1.31 39.22
CA GLN B 421 7.83 -1.05 38.59
C GLN B 421 8.96 -0.97 39.61
N ILE B 422 8.65 -0.37 40.76
CA ILE B 422 9.59 -0.29 41.89
C ILE B 422 9.96 -1.69 42.40
N ARG B 423 8.95 -2.54 42.55
CA ARG B 423 9.17 -3.93 42.97
C ARG B 423 10.00 -4.74 41.99
N ILE B 424 9.75 -4.54 40.69
CA ILE B 424 10.49 -5.21 39.64
C ILE B 424 11.96 -4.80 39.65
N MET B 425 12.22 -3.51 39.81
CA MET B 425 13.59 -3.00 39.92
C MET B 425 14.30 -3.60 41.14
N ASN B 426 13.56 -3.82 42.23
CA ASN B 426 14.09 -4.40 43.45
C ASN B 426 14.25 -5.91 43.44
N ASP B 427 13.72 -6.55 42.39
CA ASP B 427 13.68 -8.00 42.29
C ASP B 427 15.08 -8.57 42.03
N GLU B 428 15.52 -9.50 42.87
CA GLU B 428 16.87 -10.09 42.78
C GLU B 428 17.13 -10.80 41.44
N ASN B 429 16.10 -11.44 40.90
CA ASN B 429 16.21 -12.17 39.64
C ASN B 429 16.29 -11.23 38.42
N PHE B 430 15.59 -10.11 38.51
CA PHE B 430 15.72 -9.05 37.52
C PHE B 430 17.11 -8.43 37.57
N GLN B 431 17.60 -8.18 38.78
CA GLN B 431 18.93 -7.58 38.97
C GLN B 431 20.05 -8.46 38.42
N HIS B 432 19.86 -9.78 38.52
CA HIS B 432 20.75 -10.75 37.89
C HIS B 432 20.64 -10.65 36.37
N GLY B 433 19.40 -10.61 35.88
CA GLY B 433 19.12 -10.50 34.45
C GLY B 433 18.85 -11.84 33.78
N GLY B 434 18.20 -11.79 32.63
CA GLY B 434 17.94 -12.98 31.83
C GLY B 434 16.74 -13.82 32.22
N THR B 435 15.77 -13.20 32.91
CA THR B 435 14.54 -13.90 33.28
C THR B 435 13.66 -14.08 32.04
N ASN B 436 12.88 -15.16 32.03
CA ASN B 436 12.05 -15.51 30.86
C ASN B 436 10.71 -14.77 30.82
N ILE B 437 9.98 -14.96 29.72
CA ILE B 437 8.68 -14.32 29.49
C ILE B 437 7.64 -14.66 30.56
N HIS B 438 7.86 -15.75 31.28
CA HIS B 438 6.88 -16.26 32.25
C HIS B 438 7.15 -15.76 33.66
N TYR B 439 8.31 -15.13 33.87
CA TYR B 439 8.75 -14.74 35.22
C TYR B 439 7.77 -13.89 36.01
N LEU B 440 7.31 -12.80 35.40
CA LEU B 440 6.47 -11.81 36.08
C LEU B 440 5.15 -12.40 36.56
N GLU B 441 4.56 -13.26 35.74
CA GLU B 441 3.29 -13.90 36.04
C GLU B 441 3.35 -14.86 37.24
N LYS B 442 4.53 -15.44 37.49
CA LYS B 442 4.70 -16.31 38.66
C LYS B 442 5.25 -15.61 39.91
N LYS B 443 5.96 -14.50 39.71
CA LYS B 443 6.33 -13.62 40.82
C LYS B 443 5.07 -13.00 41.42
N LEU B 444 4.13 -12.64 40.54
CA LEU B 444 2.83 -12.09 40.95
C LEU B 444 1.84 -13.19 41.36
N GLY B 445 2.26 -14.45 41.23
CA GLY B 445 1.41 -15.60 41.56
C GLY B 445 1.18 -15.76 43.05
#